data_4RKQ
#
_entry.id   4RKQ
#
_cell.length_a   37.244
_cell.length_b   125.126
_cell.length_c   116.422
_cell.angle_alpha   90.00
_cell.angle_beta   96.68
_cell.angle_gamma   90.00
#
_symmetry.space_group_name_H-M   'P 1 21 1'
#
loop_
_entity.id
_entity.type
_entity.pdbx_description
1 polymer 'Transcriptional regulator, LacI family'
2 non-polymer 'CHLORIDE ION'
3 non-polymer 1,2-ETHANEDIOL
4 non-polymer 'MAGNESIUM ION'
5 water water
#
_entity_poly.entity_id   1
_entity_poly.type   'polypeptide(L)'
_entity_poly.pdbx_seq_one_letter_code
;MSLSRFAKGLVQGARTSVGLAIPDLTNPYFPAFASSVVELATLRGWHVVVDDYGHGGRSGLDAVEHLAPQVDAVIGYLGG
YADQAQTVLGRRPLIVLDENPGGAAGSINFDYQHAAKVAVAQLMDSKRQHIAYLEAGSASESDEPVPCTVRGKAVAGRLD
ELGASWSLIVAEETAEAAREAAAAFLREHPETDGILAFNDLMAAGVLKALSGSGRRVPEDCAVIGMDGIPLGELLSPQLS
TMALDLREVGRAAVELLVGLLSGAVTPGSQSSRTTLKHRLVLRESTEGHHHHHH
;
_entity_poly.pdbx_strand_id   A,B,C,D
#
loop_
_chem_comp.id
_chem_comp.type
_chem_comp.name
_chem_comp.formula
CL non-polymer 'CHLORIDE ION' 'Cl -1'
EDO non-polymer 1,2-ETHANEDIOL 'C2 H6 O2'
MG non-polymer 'MAGNESIUM ION' 'Mg 2'
#
# COMPACT_ATOMS: atom_id res chain seq x y z
N ALA A 7 9.15 -27.16 11.00
CA ALA A 7 8.84 -25.70 11.14
C ALA A 7 10.04 -24.94 11.69
N LYS A 8 10.71 -25.53 12.68
CA LYS A 8 11.91 -24.92 13.27
C LYS A 8 13.00 -24.70 12.22
N GLY A 9 13.05 -25.55 11.20
CA GLY A 9 14.07 -25.45 10.16
C GLY A 9 13.86 -24.36 9.14
N LEU A 10 12.65 -23.81 9.06
CA LEU A 10 12.30 -22.85 8.01
C LEU A 10 12.82 -21.43 8.23
N VAL A 11 12.77 -20.65 7.16
CA VAL A 11 12.99 -19.21 7.22
C VAL A 11 11.75 -18.60 7.87
N GLN A 12 11.97 -17.75 8.87
CA GLN A 12 10.87 -17.26 9.68
C GLN A 12 10.73 -15.76 9.60
N GLY A 13 9.48 -15.32 9.77
CA GLY A 13 9.11 -13.91 9.73
C GLY A 13 8.86 -13.47 8.31
N ALA A 14 7.64 -13.04 8.00
CA ALA A 14 7.31 -12.44 6.70
C ALA A 14 8.11 -11.15 6.50
N ARG A 15 8.66 -10.99 5.30
CA ARG A 15 9.71 -10.02 5.05
C ARG A 15 9.20 -8.82 4.30
N THR A 16 9.79 -7.67 4.61
CA THR A 16 9.61 -6.48 3.85
C THR A 16 10.07 -6.66 2.41
N SER A 17 9.28 -6.11 1.50
CA SER A 17 9.58 -6.20 0.10
C SER A 17 9.70 -4.80 -0.44
N VAL A 18 10.77 -4.52 -1.16
CA VAL A 18 11.08 -3.21 -1.67
C VAL A 18 11.26 -3.26 -3.20
N GLY A 19 10.63 -2.33 -3.87
CA GLY A 19 10.78 -2.20 -5.35
C GLY A 19 11.79 -1.13 -5.68
N LEU A 20 12.64 -1.39 -6.68
CA LEU A 20 13.60 -0.45 -7.15
C LEU A 20 13.26 -0.15 -8.60
N ALA A 21 12.98 1.11 -8.88
CA ALA A 21 12.65 1.53 -10.26
C ALA A 21 13.87 2.30 -10.88
N ILE A 22 14.37 1.80 -11.99
CA ILE A 22 15.46 2.48 -12.68
C ILE A 22 15.10 2.66 -14.17
N PRO A 23 15.51 3.80 -14.75
CA PRO A 23 15.12 4.10 -16.11
C PRO A 23 15.83 3.30 -17.18
N ASP A 24 17.00 2.75 -16.88
CA ASP A 24 17.68 1.85 -17.82
C ASP A 24 18.73 1.10 -17.07
N LEU A 25 19.30 0.10 -17.73
CA LEU A 25 20.43 -0.67 -17.22
C LEU A 25 21.65 -0.53 -18.14
N THR A 26 21.57 0.41 -19.07
CA THR A 26 22.64 0.64 -20.04
C THR A 26 23.56 1.79 -19.67
N ASN A 27 23.14 2.69 -18.80
CA ASN A 27 24.04 3.66 -18.21
C ASN A 27 24.59 2.98 -16.97
N PRO A 28 25.90 2.69 -16.93
CA PRO A 28 26.44 1.88 -15.82
C PRO A 28 26.17 2.42 -14.41
N TYR A 29 25.84 3.71 -14.28
CA TYR A 29 25.43 4.22 -12.99
C TYR A 29 24.28 3.39 -12.41
N PHE A 30 23.28 3.04 -13.23
CA PHE A 30 22.07 2.48 -12.67
C PHE A 30 22.24 1.07 -12.13
N PRO A 31 22.97 0.22 -12.81
CA PRO A 31 23.26 -1.09 -12.18
C PRO A 31 24.12 -0.98 -10.94
N ALA A 32 25.02 0.00 -10.89
CA ALA A 32 25.85 0.20 -9.69
C ALA A 32 25.02 0.67 -8.50
N PHE A 33 24.13 1.61 -8.77
CA PHE A 33 23.18 2.07 -7.77
C PHE A 33 22.27 0.94 -7.30
N ALA A 34 21.66 0.24 -8.24
CA ALA A 34 20.79 -0.86 -7.89
C ALA A 34 21.49 -1.92 -7.06
N SER A 35 22.69 -2.32 -7.46
CA SER A 35 23.43 -3.34 -6.75
C SER A 35 23.66 -2.89 -5.28
N SER A 36 23.99 -1.61 -5.09
CA SER A 36 24.29 -1.11 -3.75
C SER A 36 23.03 -1.16 -2.87
N VAL A 37 21.89 -0.78 -3.44
CA VAL A 37 20.62 -0.86 -2.72
C VAL A 37 20.22 -2.31 -2.46
N VAL A 38 20.38 -3.18 -3.44
CA VAL A 38 20.04 -4.59 -3.23
C VAL A 38 20.91 -5.22 -2.12
N GLU A 39 22.20 -4.90 -2.11
CA GLU A 39 23.12 -5.31 -1.03
C GLU A 39 22.59 -4.93 0.36
N LEU A 40 22.28 -3.67 0.57
CA LEU A 40 21.89 -3.20 1.91
C LEU A 40 20.55 -3.75 2.32
N ALA A 41 19.60 -3.87 1.37
CA ALA A 41 18.30 -4.37 1.68
C ALA A 41 18.38 -5.85 1.99
N THR A 42 19.19 -6.56 1.21
CA THR A 42 19.30 -7.98 1.35
C THR A 42 19.89 -8.30 2.75
N LEU A 43 20.82 -7.48 3.16
CA LEU A 43 21.46 -7.67 4.46
C LEU A 43 20.55 -7.33 5.66
N ARG A 44 19.42 -6.65 5.39
CA ARG A 44 18.37 -6.48 6.39
C ARG A 44 17.33 -7.57 6.31
N GLY A 45 17.53 -8.57 5.47
CA GLY A 45 16.57 -9.66 5.29
C GLY A 45 15.39 -9.33 4.41
N TRP A 46 15.48 -8.21 3.71
CA TRP A 46 14.42 -7.74 2.83
C TRP A 46 14.48 -8.46 1.43
N HIS A 47 13.32 -8.58 0.78
CA HIS A 47 13.24 -8.99 -0.62
C HIS A 47 13.32 -7.71 -1.45
N VAL A 48 13.97 -7.76 -2.62
CA VAL A 48 14.03 -6.62 -3.54
C VAL A 48 13.73 -7.10 -4.96
N VAL A 49 12.92 -6.35 -5.68
CA VAL A 49 12.70 -6.58 -7.11
C VAL A 49 12.99 -5.28 -7.89
N VAL A 50 13.65 -5.42 -9.04
CA VAL A 50 14.05 -4.30 -9.86
C VAL A 50 13.16 -4.25 -11.09
N ASP A 51 12.61 -3.08 -11.42
CA ASP A 51 11.91 -2.86 -12.69
C ASP A 51 12.74 -1.83 -13.50
N ASP A 52 13.34 -2.32 -14.60
CA ASP A 52 14.06 -1.50 -15.56
C ASP A 52 12.98 -1.05 -16.54
N TYR A 53 12.59 0.21 -16.42
CA TYR A 53 11.45 0.72 -17.21
C TYR A 53 11.84 1.43 -18.51
N GLY A 54 13.05 1.25 -18.96
CA GLY A 54 13.58 2.02 -20.11
C GLY A 54 13.28 1.30 -21.40
N HIS A 55 12.05 0.81 -21.52
CA HIS A 55 11.59 0.01 -22.67
C HIS A 55 10.14 0.24 -22.96
N GLY A 56 9.75 0.08 -24.22
CA GLY A 56 8.34 0.12 -24.54
C GLY A 56 7.63 1.43 -24.28
N GLY A 57 8.36 2.52 -24.25
CA GLY A 57 7.79 3.78 -23.88
C GLY A 57 7.31 3.90 -22.45
N ARG A 58 7.70 2.97 -21.58
CA ARG A 58 7.22 3.00 -20.19
C ARG A 58 7.84 4.20 -19.40
N SER A 59 7.13 4.68 -18.38
CA SER A 59 7.58 5.80 -17.55
C SER A 59 7.85 5.30 -16.11
N GLY A 60 8.44 6.16 -15.28
CA GLY A 60 8.60 5.85 -13.87
C GLY A 60 7.26 5.62 -13.18
N LEU A 61 6.16 6.28 -13.63
CA LEU A 61 4.86 5.98 -13.06
C LEU A 61 4.41 4.55 -13.39
N ASP A 62 4.62 4.11 -14.61
CA ASP A 62 4.31 2.73 -14.96
C ASP A 62 5.09 1.72 -14.06
N ALA A 63 6.33 2.05 -13.76
CA ALA A 63 7.16 1.19 -12.97
C ALA A 63 6.55 1.07 -11.58
N VAL A 64 6.13 2.18 -11.02
CA VAL A 64 5.54 2.19 -9.68
C VAL A 64 4.21 1.49 -9.67
N GLU A 65 3.38 1.72 -10.69
CA GLU A 65 2.13 0.97 -10.84
C GLU A 65 2.27 -0.53 -10.86
N HIS A 66 3.29 -0.99 -11.56
CA HIS A 66 3.64 -2.41 -11.64
C HIS A 66 4.12 -2.97 -10.29
N LEU A 67 5.03 -2.26 -9.66
CA LEU A 67 5.67 -2.77 -8.44
C LEU A 67 4.75 -2.72 -7.22
N ALA A 68 3.90 -1.67 -7.14
CA ALA A 68 3.11 -1.34 -5.95
C ALA A 68 2.48 -2.55 -5.25
N PRO A 69 1.70 -3.37 -5.97
CA PRO A 69 1.05 -4.48 -5.26
C PRO A 69 1.96 -5.59 -4.72
N GLN A 70 3.21 -5.65 -5.14
CA GLN A 70 4.11 -6.66 -4.63
C GLN A 70 5.20 -6.11 -3.73
N VAL A 71 5.10 -4.85 -3.34
CA VAL A 71 6.08 -4.23 -2.48
C VAL A 71 5.43 -3.40 -1.41
N ASP A 72 6.23 -3.07 -0.41
CA ASP A 72 5.83 -2.25 0.70
C ASP A 72 6.32 -0.83 0.54
N ALA A 73 7.22 -0.62 -0.42
CA ALA A 73 7.88 0.69 -0.59
C ALA A 73 8.63 0.65 -1.90
N VAL A 74 8.98 1.83 -2.40
CA VAL A 74 9.75 1.91 -3.64
C VAL A 74 10.87 2.90 -3.47
N ILE A 75 12.03 2.55 -4.01
CA ILE A 75 13.19 3.45 -4.12
C ILE A 75 13.42 3.58 -5.63
N GLY A 76 13.47 4.80 -6.15
CA GLY A 76 13.61 4.94 -7.59
C GLY A 76 14.07 6.26 -8.15
N TYR A 77 14.55 6.19 -9.37
CA TYR A 77 14.74 7.32 -10.24
C TYR A 77 13.54 7.32 -11.17
N LEU A 78 12.63 8.27 -11.01
CA LEU A 78 11.34 8.18 -11.69
C LEU A 78 11.14 9.11 -12.87
N GLY A 79 12.15 9.92 -13.19
CA GLY A 79 12.08 10.80 -14.38
C GLY A 79 11.00 11.85 -14.35
N GLY A 80 10.65 12.33 -13.15
CA GLY A 80 9.69 13.41 -12.98
C GLY A 80 8.32 13.01 -12.48
N TYR A 81 8.11 11.72 -12.19
CA TYR A 81 6.78 11.23 -11.77
C TYR A 81 6.63 10.99 -10.26
N ALA A 82 7.52 11.57 -9.46
CA ALA A 82 7.50 11.38 -8.00
C ALA A 82 6.16 11.60 -7.35
N ASP A 83 5.55 12.74 -7.64
CA ASP A 83 4.31 13.09 -7.00
C ASP A 83 3.17 12.13 -7.33
N GLN A 84 2.99 11.87 -8.62
CA GLN A 84 1.98 10.94 -9.08
C GLN A 84 2.23 9.51 -8.59
N ALA A 85 3.49 9.10 -8.60
CA ALA A 85 3.84 7.78 -8.05
C ALA A 85 3.53 7.64 -6.54
N GLN A 86 3.80 8.67 -5.74
CA GLN A 86 3.44 8.55 -4.32
C GLN A 86 1.92 8.47 -4.16
N THR A 87 1.19 9.16 -5.03
CA THR A 87 -0.28 9.04 -5.01
C THR A 87 -0.75 7.60 -5.25
N VAL A 88 -0.15 6.94 -6.22
CA VAL A 88 -0.46 5.56 -6.53
C VAL A 88 -0.13 4.72 -5.30
N LEU A 89 1.05 4.95 -4.74
CA LEU A 89 1.48 4.14 -3.60
C LEU A 89 0.68 4.34 -2.32
N GLY A 90 -0.03 5.47 -2.19
CA GLY A 90 -0.80 5.72 -0.97
C GLY A 90 0.16 5.98 0.18
N ARG A 91 0.06 5.23 1.25
CA ARG A 91 0.97 5.36 2.42
C ARG A 91 2.22 4.48 2.35
N ARG A 92 2.30 3.67 1.29
CA ARG A 92 3.51 2.90 1.03
C ARG A 92 4.59 3.91 0.54
N PRO A 93 5.70 4.01 1.27
CA PRO A 93 6.63 5.13 1.04
C PRO A 93 7.40 5.00 -0.28
N LEU A 94 7.43 6.11 -1.00
CA LEU A 94 8.35 6.29 -2.10
C LEU A 94 9.53 7.14 -1.66
N ILE A 95 10.74 6.62 -1.97
CA ILE A 95 11.95 7.40 -1.90
C ILE A 95 12.42 7.62 -3.33
N VAL A 96 12.39 8.86 -3.78
CA VAL A 96 12.97 9.26 -5.08
C VAL A 96 14.33 9.92 -4.99
N LEU A 97 15.12 9.77 -6.04
CA LEU A 97 16.38 10.43 -6.11
C LEU A 97 16.45 11.37 -7.28
N ASP A 98 17.15 12.47 -7.06
CA ASP A 98 17.58 13.38 -8.13
C ASP A 98 16.44 14.06 -8.88
N GLU A 99 15.32 14.32 -8.22
CA GLU A 99 14.24 15.10 -8.83
C GLU A 99 13.45 15.81 -7.77
N ASN A 100 12.55 16.69 -8.17
CA ASN A 100 11.69 17.41 -7.24
C ASN A 100 10.73 16.34 -6.69
N PRO A 101 10.73 16.14 -5.38
CA PRO A 101 10.00 14.97 -4.87
C PRO A 101 8.48 15.16 -4.74
N GLY A 102 8.00 16.39 -4.87
CA GLY A 102 6.60 16.69 -4.59
C GLY A 102 6.26 16.10 -3.23
N GLY A 103 5.15 15.36 -3.17
CA GLY A 103 4.67 14.72 -1.98
C GLY A 103 5.25 13.34 -1.67
N ALA A 104 6.33 12.94 -2.33
CA ALA A 104 6.94 11.65 -2.04
C ALA A 104 7.37 11.62 -0.58
N ALA A 105 7.23 10.48 0.05
CA ALA A 105 7.57 10.28 1.45
C ALA A 105 9.00 10.63 1.75
N GLY A 106 9.91 10.33 0.82
CA GLY A 106 11.32 10.54 1.02
C GLY A 106 12.01 10.94 -0.25
N SER A 107 13.13 11.62 -0.09
CA SER A 107 13.90 12.14 -1.27
C SER A 107 15.35 12.29 -0.93
N ILE A 108 16.18 11.95 -1.91
CA ILE A 108 17.61 12.18 -1.85
C ILE A 108 17.95 13.09 -3.06
N ASN A 109 18.56 14.24 -2.78
CA ASN A 109 18.98 15.20 -3.85
C ASN A 109 20.48 15.41 -3.67
N PHE A 110 21.12 16.00 -4.66
CA PHE A 110 22.59 16.19 -4.61
C PHE A 110 22.83 17.68 -4.77
N ASP A 111 23.86 18.20 -4.11
CA ASP A 111 24.21 19.61 -4.15
C ASP A 111 25.02 19.93 -5.40
N TYR A 112 24.34 20.29 -6.48
CA TYR A 112 25.08 20.53 -7.70
C TYR A 112 25.82 21.86 -7.74
N GLN A 113 25.45 22.83 -6.91
CA GLN A 113 26.26 24.04 -6.81
C GLN A 113 27.61 23.73 -6.21
N HIS A 114 27.61 22.89 -5.19
CA HIS A 114 28.84 22.47 -4.61
C HIS A 114 29.71 21.66 -5.58
N ALA A 115 29.11 20.72 -6.31
CA ALA A 115 29.86 19.91 -7.28
C ALA A 115 30.49 20.79 -8.34
N ALA A 116 29.72 21.76 -8.83
CA ALA A 116 30.14 22.66 -9.90
C ALA A 116 31.33 23.48 -9.42
N LYS A 117 31.27 23.94 -8.19
CA LYS A 117 32.34 24.74 -7.62
C LYS A 117 33.60 23.92 -7.51
N VAL A 118 33.49 22.68 -7.04
CA VAL A 118 34.64 21.82 -6.88
C VAL A 118 35.26 21.43 -8.22
N ALA A 119 34.43 21.10 -9.20
CA ALA A 119 34.93 20.58 -10.48
C ALA A 119 35.62 21.72 -11.25
N VAL A 120 34.95 22.86 -11.31
CA VAL A 120 35.49 24.05 -11.96
C VAL A 120 36.82 24.50 -11.28
N ALA A 121 36.89 24.40 -9.97
CA ALA A 121 38.09 24.77 -9.23
C ALA A 121 39.29 23.99 -9.69
N GLN A 122 39.07 22.71 -9.99
CA GLN A 122 40.17 21.87 -10.42
C GLN A 122 40.70 22.36 -11.74
N LEU A 123 39.80 22.72 -12.64
CA LEU A 123 40.24 23.19 -13.97
C LEU A 123 40.94 24.57 -13.85
N MET A 124 40.41 25.43 -12.99
CA MET A 124 41.08 26.73 -12.73
C MET A 124 42.47 26.55 -12.16
N ASP A 125 42.62 25.66 -11.18
CA ASP A 125 43.91 25.39 -10.57
C ASP A 125 44.94 24.98 -11.60
N SER A 126 44.51 24.21 -12.60
CA SER A 126 45.42 23.74 -13.64
CA SER A 126 45.43 23.74 -13.65
C SER A 126 45.46 24.75 -14.79
N LYS A 127 44.85 25.91 -14.58
CA LYS A 127 44.88 27.01 -15.52
C LYS A 127 44.39 26.65 -16.88
N ARG A 128 43.30 25.91 -16.97
CA ARG A 128 42.72 25.66 -18.30
C ARG A 128 42.07 26.93 -18.74
N GLN A 129 42.27 27.29 -20.00
CA GLN A 129 41.84 28.58 -20.50
C GLN A 129 40.61 28.45 -21.35
N HIS A 130 40.31 27.26 -21.87
CA HIS A 130 39.21 27.14 -22.83
C HIS A 130 38.34 25.96 -22.46
N ILE A 131 37.37 26.21 -21.60
CA ILE A 131 36.60 25.13 -20.96
C ILE A 131 35.34 24.79 -21.73
N ALA A 132 34.91 23.52 -21.73
CA ALA A 132 33.63 23.17 -22.36
C ALA A 132 32.85 22.28 -21.42
N TYR A 133 31.53 22.45 -21.39
CA TYR A 133 30.65 21.60 -20.57
C TYR A 133 29.81 20.84 -21.56
N LEU A 134 29.76 19.53 -21.42
CA LEU A 134 28.99 18.71 -22.29
C LEU A 134 27.74 18.27 -21.51
N GLU A 135 26.58 18.68 -22.01
CA GLU A 135 25.31 18.54 -21.33
C GLU A 135 24.59 17.34 -21.93
N ALA A 136 23.77 16.65 -21.14
CA ALA A 136 22.91 15.60 -21.69
C ALA A 136 21.60 16.28 -22.13
N GLY A 137 21.20 16.10 -23.39
CA GLY A 137 19.94 16.66 -23.86
C GLY A 137 19.93 16.86 -25.36
N SER A 138 19.11 17.79 -25.80
CA SER A 138 18.87 18.10 -27.22
C SER A 138 18.82 19.63 -27.35
N ALA A 139 19.25 20.18 -28.48
CA ALA A 139 19.07 21.63 -28.74
C ALA A 139 18.24 21.91 -30.01
N SER A 140 17.33 20.97 -30.34
CA SER A 140 16.57 21.07 -31.62
C SER A 140 15.61 22.27 -31.72
N GLU A 141 15.21 22.85 -30.57
CA GLU A 141 14.26 23.99 -30.51
C GLU A 141 14.88 25.37 -30.18
N SER A 142 16.19 25.52 -30.26
CA SER A 142 16.81 26.84 -29.95
C SER A 142 17.98 27.24 -30.87
N ASP A 143 18.23 28.55 -30.97
CA ASP A 143 19.25 29.12 -31.87
C ASP A 143 20.65 28.54 -31.58
N GLU A 144 20.96 28.39 -30.30
CA GLU A 144 22.20 27.72 -29.87
C GLU A 144 21.90 26.87 -28.64
N PRO A 145 22.81 25.94 -28.28
CA PRO A 145 22.67 25.20 -27.01
C PRO A 145 22.47 26.12 -25.79
N VAL A 146 21.55 25.78 -24.88
CA VAL A 146 21.38 26.44 -23.57
C VAL A 146 21.33 25.33 -22.49
N PRO A 147 21.81 25.61 -21.24
CA PRO A 147 21.86 24.49 -20.28
C PRO A 147 20.47 24.11 -19.82
N CYS A 148 20.12 22.81 -19.93
CA CYS A 148 18.79 22.32 -19.54
C CYS A 148 18.68 21.50 -18.25
N THR A 149 19.76 20.90 -17.76
CA THR A 149 19.69 20.10 -16.53
C THR A 149 20.04 20.93 -15.31
N VAL A 150 19.63 20.46 -14.15
CA VAL A 150 19.96 21.17 -12.93
C VAL A 150 21.46 21.24 -12.75
N ARG A 151 22.14 20.13 -13.01
CA ARG A 151 23.58 20.09 -12.75
C ARG A 151 24.26 20.97 -13.76
N GLY A 152 23.77 20.94 -15.00
CA GLY A 152 24.31 21.75 -16.10
C GLY A 152 24.15 23.23 -15.84
N LYS A 153 22.97 23.65 -15.36
CA LYS A 153 22.76 25.07 -14.95
C LYS A 153 23.73 25.47 -13.86
N ALA A 154 24.02 24.57 -12.93
CA ALA A 154 24.93 24.87 -11.85
C ALA A 154 26.34 25.12 -12.37
N VAL A 155 26.80 24.32 -13.32
CA VAL A 155 28.14 24.50 -13.90
C VAL A 155 28.23 25.81 -14.70
N ALA A 156 27.21 26.08 -15.52
CA ALA A 156 27.17 27.29 -16.34
C ALA A 156 27.16 28.53 -15.47
N GLY A 157 26.36 28.48 -14.41
CA GLY A 157 26.36 29.48 -13.36
C GLY A 157 27.73 29.73 -12.79
N ARG A 158 28.47 28.68 -12.43
CA ARG A 158 29.76 28.87 -11.83
C ARG A 158 30.76 29.49 -12.82
N LEU A 159 30.76 28.97 -14.05
CA LEU A 159 31.67 29.48 -15.04
C LEU A 159 31.32 30.95 -15.42
N ASP A 160 30.03 31.28 -15.54
CA ASP A 160 29.60 32.67 -15.78
C ASP A 160 30.05 33.58 -14.62
N GLU A 161 29.79 33.13 -13.39
CA GLU A 161 30.23 33.85 -12.20
C GLU A 161 31.73 34.13 -12.19
N LEU A 162 32.54 33.22 -12.71
CA LEU A 162 33.98 33.39 -12.67
C LEU A 162 34.53 34.16 -13.89
N GLY A 163 33.64 34.63 -14.78
CA GLY A 163 34.06 35.25 -16.03
C GLY A 163 34.81 34.33 -16.98
N ALA A 164 34.67 33.03 -16.83
CA ALA A 164 35.36 32.14 -17.74
C ALA A 164 34.80 32.31 -19.15
N SER A 165 35.67 32.04 -20.12
CA SER A 165 35.29 31.94 -21.51
C SER A 165 35.10 30.46 -21.70
N TRP A 166 33.85 30.06 -21.92
CA TRP A 166 33.52 28.62 -21.93
C TRP A 166 32.50 28.34 -23.00
N SER A 167 32.36 27.09 -23.43
CA SER A 167 31.36 26.73 -24.42
C SER A 167 30.48 25.61 -23.91
N LEU A 168 29.25 25.57 -24.41
CA LEU A 168 28.30 24.49 -24.14
C LEU A 168 28.14 23.56 -25.34
N ILE A 169 28.25 22.25 -25.07
CA ILE A 169 27.95 21.19 -26.04
C ILE A 169 26.81 20.40 -25.44
N VAL A 170 25.90 19.97 -26.30
CA VAL A 170 24.74 19.17 -25.91
C VAL A 170 24.74 17.92 -26.78
N ALA A 171 24.48 16.78 -26.15
CA ALA A 171 24.36 15.52 -26.86
C ALA A 171 23.45 14.59 -26.06
N GLU A 172 22.93 13.57 -26.73
CA GLU A 172 22.15 12.51 -26.09
C GLU A 172 23.05 11.78 -25.13
N GLU A 173 22.48 11.23 -24.06
CA GLU A 173 23.27 10.73 -22.95
C GLU A 173 23.76 9.28 -23.27
N THR A 174 24.62 9.12 -24.26
CA THR A 174 25.30 7.84 -24.51
C THR A 174 26.77 8.17 -24.76
N ALA A 175 27.65 7.18 -24.58
CA ALA A 175 29.07 7.37 -24.88
C ALA A 175 29.28 7.73 -26.33
N GLU A 176 28.54 7.09 -27.22
CA GLU A 176 28.75 7.32 -28.65
C GLU A 176 28.22 8.67 -29.09
N ALA A 177 27.07 9.09 -28.59
CA ALA A 177 26.57 10.43 -28.89
C ALA A 177 27.54 11.47 -28.34
N ALA A 178 28.06 11.23 -27.15
CA ALA A 178 29.02 12.16 -26.54
C ALA A 178 30.29 12.26 -27.38
N ARG A 179 30.77 11.12 -27.89
CA ARG A 179 32.00 11.10 -28.68
C ARG A 179 31.75 11.87 -29.97
N GLU A 180 30.61 11.63 -30.60
CA GLU A 180 30.36 12.30 -31.84
C GLU A 180 30.23 13.82 -31.64
N ALA A 181 29.55 14.26 -30.58
CA ALA A 181 29.39 15.69 -30.35
C ALA A 181 30.69 16.35 -29.92
N ALA A 182 31.50 15.64 -29.17
CA ALA A 182 32.78 16.17 -28.74
C ALA A 182 33.73 16.31 -29.94
N ALA A 183 33.78 15.30 -30.80
CA ALA A 183 34.63 15.32 -32.01
C ALA A 183 34.30 16.50 -32.92
N ALA A 184 33.01 16.76 -33.11
CA ALA A 184 32.54 17.86 -33.98
C ALA A 184 32.99 19.19 -33.41
N PHE A 185 32.78 19.36 -32.11
CA PHE A 185 33.18 20.54 -31.40
C PHE A 185 34.69 20.80 -31.42
N LEU A 186 35.49 19.76 -31.17
CA LEU A 186 36.96 19.88 -31.18
C LEU A 186 37.54 20.25 -32.58
N ARG A 187 36.93 19.79 -33.68
CA ARG A 187 37.25 20.28 -35.05
C ARG A 187 37.17 21.80 -35.13
N GLU A 188 36.09 22.34 -34.57
CA GLU A 188 35.86 23.77 -34.53
C GLU A 188 36.62 24.50 -33.43
N HIS A 189 36.86 23.85 -32.29
CA HIS A 189 37.51 24.51 -31.16
C HIS A 189 38.74 23.74 -30.67
N PRO A 190 39.79 23.68 -31.48
CA PRO A 190 41.00 22.92 -31.14
C PRO A 190 41.74 23.38 -29.90
N GLU A 191 41.50 24.62 -29.50
CA GLU A 191 42.09 25.21 -28.30
C GLU A 191 41.56 24.61 -26.99
N THR A 192 40.45 23.87 -27.06
CA THR A 192 39.78 23.37 -25.86
C THR A 192 40.75 22.62 -24.99
N ASP A 193 40.90 23.05 -23.73
CA ASP A 193 41.81 22.34 -22.89
C ASP A 193 41.19 21.83 -21.58
N GLY A 194 39.89 21.97 -21.40
CA GLY A 194 39.26 21.31 -20.24
C GLY A 194 37.81 21.04 -20.51
N ILE A 195 37.35 19.82 -20.24
CA ILE A 195 35.99 19.42 -20.54
C ILE A 195 35.33 18.78 -19.32
N LEU A 196 34.19 19.34 -18.90
CA LEU A 196 33.35 18.80 -17.82
C LEU A 196 32.18 18.08 -18.48
N ALA A 197 31.94 16.81 -18.12
CA ALA A 197 30.86 16.08 -18.73
C ALA A 197 29.76 15.85 -17.73
N PHE A 198 28.54 15.86 -18.24
CA PHE A 198 27.33 15.59 -17.48
C PHE A 198 27.48 14.36 -16.58
N ASN A 199 28.02 13.28 -17.12
CA ASN A 199 28.33 12.16 -16.31
C ASN A 199 29.49 11.36 -16.89
N ASP A 200 29.88 10.33 -16.14
CA ASP A 200 30.98 9.41 -16.55
C ASP A 200 30.80 8.68 -17.87
N LEU A 201 29.58 8.20 -18.15
CA LEU A 201 29.34 7.52 -19.41
C LEU A 201 29.62 8.49 -20.59
N MET A 202 29.11 9.72 -20.48
CA MET A 202 29.40 10.72 -21.53
C MET A 202 30.91 11.04 -21.54
N ALA A 203 31.53 11.10 -20.35
CA ALA A 203 32.97 11.36 -20.30
C ALA A 203 33.80 10.29 -21.01
N ALA A 204 33.38 9.04 -20.94
CA ALA A 204 34.10 7.97 -21.65
C ALA A 204 34.08 8.25 -23.12
N GLY A 205 32.98 8.80 -23.62
CA GLY A 205 32.91 9.17 -25.01
C GLY A 205 33.83 10.35 -25.37
N VAL A 206 33.92 11.30 -24.46
CA VAL A 206 34.77 12.46 -24.61
C VAL A 206 36.23 12.04 -24.70
N LEU A 207 36.66 11.11 -23.85
CA LEU A 207 38.02 10.61 -23.92
C LEU A 207 38.35 10.03 -25.25
N LYS A 208 37.41 9.28 -25.85
CA LYS A 208 37.58 8.67 -27.18
CA LYS A 208 37.67 8.68 -27.15
C LYS A 208 37.68 9.74 -28.28
N ALA A 209 36.88 10.80 -28.20
CA ALA A 209 36.99 11.90 -29.16
C ALA A 209 38.36 12.61 -29.04
N LEU A 210 38.80 12.86 -27.81
CA LEU A 210 40.09 13.50 -27.61
C LEU A 210 41.21 12.60 -28.19
N SER A 211 41.13 11.30 -27.96
CA SER A 211 42.14 10.35 -28.44
C SER A 211 42.11 10.30 -29.99
N GLY A 212 40.91 10.19 -30.54
CA GLY A 212 40.72 10.28 -31.99
C GLY A 212 41.22 11.56 -32.64
N SER A 213 41.31 12.63 -31.87
CA SER A 213 41.70 13.94 -32.39
C SER A 213 43.18 14.21 -32.17
N GLY A 214 43.88 13.25 -31.60
CA GLY A 214 45.29 13.41 -31.33
C GLY A 214 45.59 14.30 -30.16
N ARG A 215 44.63 14.46 -29.25
CA ARG A 215 44.90 15.23 -28.03
C ARG A 215 45.20 14.40 -26.82
N ARG A 216 46.31 14.71 -26.16
CA ARG A 216 46.68 13.99 -24.97
C ARG A 216 45.77 14.39 -23.82
N VAL A 217 45.41 13.43 -22.98
CA VAL A 217 44.68 13.70 -21.77
C VAL A 217 45.47 13.13 -20.65
N PRO A 218 45.86 13.93 -19.65
CA PRO A 218 45.44 15.29 -19.42
C PRO A 218 46.34 16.37 -20.01
N GLU A 219 47.45 16.02 -20.66
CA GLU A 219 48.48 17.05 -21.00
C GLU A 219 47.93 18.15 -21.87
N ASP A 220 47.21 17.77 -22.92
CA ASP A 220 46.58 18.75 -23.77
C ASP A 220 45.16 19.17 -23.32
N CYS A 221 44.39 18.21 -22.82
CA CYS A 221 43.00 18.50 -22.37
C CYS A 221 42.63 17.65 -21.14
N ALA A 222 42.12 18.30 -20.10
CA ALA A 222 41.67 17.63 -18.91
C ALA A 222 40.20 17.17 -19.11
N VAL A 223 39.81 16.11 -18.42
CA VAL A 223 38.43 15.64 -18.49
C VAL A 223 37.98 15.30 -17.07
N ILE A 224 36.81 15.82 -16.71
CA ILE A 224 36.18 15.47 -15.46
C ILE A 224 34.74 15.00 -15.67
N GLY A 225 34.40 13.86 -15.06
CA GLY A 225 33.03 13.36 -15.15
C GLY A 225 32.25 13.55 -13.87
N MET A 226 31.19 12.77 -13.74
CA MET A 226 30.37 12.72 -12.54
C MET A 226 29.72 11.32 -12.45
N ASP A 227 29.84 10.73 -11.27
CA ASP A 227 29.07 9.56 -10.84
C ASP A 227 29.98 8.62 -10.04
N GLY A 228 31.21 8.44 -10.48
CA GLY A 228 32.09 7.47 -9.81
C GLY A 228 31.76 6.04 -10.20
N ILE A 229 31.30 5.80 -11.43
CA ILE A 229 31.06 4.41 -11.88
C ILE A 229 32.42 3.63 -11.91
N PRO A 230 32.40 2.34 -11.60
CA PRO A 230 33.66 1.55 -11.60
C PRO A 230 34.40 1.55 -12.94
N LEU A 231 33.67 1.72 -14.05
CA LEU A 231 34.26 1.86 -15.39
C LEU A 231 35.42 2.93 -15.42
N GLY A 232 35.31 3.95 -14.59
CA GLY A 232 36.27 5.04 -14.58
C GLY A 232 37.67 4.55 -14.26
N GLU A 233 37.77 3.46 -13.49
CA GLU A 233 39.08 2.92 -13.13
C GLU A 233 39.65 2.06 -14.24
N LEU A 234 38.83 1.68 -15.21
CA LEU A 234 39.25 0.80 -16.32
C LEU A 234 39.60 1.54 -17.61
N LEU A 235 39.08 2.75 -17.77
CA LEU A 235 39.44 3.61 -18.88
C LEU A 235 40.92 3.99 -18.83
N SER A 236 41.45 4.33 -19.99
CA SER A 236 42.79 4.88 -20.11
CA SER A 236 42.80 4.89 -20.10
C SER A 236 42.74 6.17 -20.90
N PRO A 237 43.05 7.33 -20.27
CA PRO A 237 43.43 7.45 -18.85
C PRO A 237 42.24 7.20 -17.93
N GLN A 238 42.53 6.80 -16.71
CA GLN A 238 41.49 6.64 -15.72
C GLN A 238 40.85 7.98 -15.43
N LEU A 239 39.54 7.94 -15.26
CA LEU A 239 38.70 9.12 -15.37
C LEU A 239 38.55 9.81 -14.05
N SER A 240 38.92 11.09 -14.03
CA SER A 240 38.75 11.90 -12.82
C SER A 240 37.29 12.25 -12.78
N THR A 241 36.72 12.30 -11.59
CA THR A 241 35.27 12.43 -11.53
C THR A 241 34.75 13.03 -10.23
N MET A 242 33.61 13.68 -10.33
CA MET A 242 32.86 14.07 -9.14
C MET A 242 31.98 12.86 -8.75
N ALA A 243 32.26 12.32 -7.57
CA ALA A 243 31.63 11.06 -7.14
C ALA A 243 31.16 11.05 -5.73
N LEU A 244 30.16 10.20 -5.44
CA LEU A 244 29.91 9.80 -4.05
C LEU A 244 29.96 8.29 -4.11
N ASP A 245 30.32 7.68 -2.98
CA ASP A 245 30.47 6.25 -2.88
C ASP A 245 29.05 5.75 -3.03
N LEU A 246 28.87 4.82 -3.93
CA LEU A 246 27.54 4.25 -4.12
C LEU A 246 27.04 3.55 -2.87
N ARG A 247 27.93 3.15 -1.98
CA ARG A 247 27.49 2.59 -0.69
C ARG A 247 26.78 3.65 0.17
N GLU A 248 27.30 4.87 0.16
CA GLU A 248 26.69 6.02 0.84
C GLU A 248 25.34 6.43 0.24
N VAL A 249 25.25 6.45 -1.08
CA VAL A 249 23.96 6.78 -1.71
C VAL A 249 22.93 5.72 -1.36
N GLY A 250 23.33 4.47 -1.53
CA GLY A 250 22.55 3.31 -1.08
C GLY A 250 22.15 3.34 0.38
N ARG A 251 23.11 3.61 1.26
CA ARG A 251 22.75 3.73 2.69
C ARG A 251 21.79 4.87 2.96
N ALA A 252 21.97 6.01 2.32
CA ALA A 252 21.08 7.13 2.58
C ALA A 252 19.63 6.75 2.22
N ALA A 253 19.44 6.11 1.07
CA ALA A 253 18.09 5.62 0.69
C ALA A 253 17.52 4.57 1.63
N VAL A 254 18.26 3.52 1.92
CA VAL A 254 17.76 2.46 2.77
C VAL A 254 17.54 2.93 4.19
N GLU A 255 18.43 3.76 4.69
CA GLU A 255 18.24 4.26 6.05
C GLU A 255 17.05 5.20 6.14
N LEU A 256 16.84 6.02 5.13
CA LEU A 256 15.63 6.79 5.09
C LEU A 256 14.39 5.88 5.09
N LEU A 257 14.42 4.80 4.30
CA LEU A 257 13.24 3.93 4.23
C LEU A 257 13.05 3.22 5.58
N VAL A 258 14.14 2.82 6.22
CA VAL A 258 13.99 2.23 7.58
C VAL A 258 13.24 3.20 8.51
N GLY A 259 13.59 4.49 8.46
CA GLY A 259 13.02 5.48 9.34
C GLY A 259 11.57 5.78 9.01
N LEU A 260 11.26 5.74 7.72
CA LEU A 260 9.88 5.93 7.28
C LEU A 260 9.02 4.75 7.66
N LEU A 261 9.53 3.53 7.47
CA LEU A 261 8.75 2.32 7.83
C LEU A 261 8.51 2.22 9.34
N SER A 262 9.47 2.67 10.12
CA SER A 262 9.41 2.54 11.58
C SER A 262 8.62 3.64 12.25
N GLY A 263 8.34 4.73 11.53
CA GLY A 263 7.71 5.90 12.10
C GLY A 263 8.73 6.86 12.71
N ALA A 264 10.01 6.51 12.65
CA ALA A 264 11.03 7.42 13.12
C ALA A 264 11.07 8.72 12.31
N VAL A 265 10.75 8.65 11.01
CA VAL A 265 10.77 9.82 10.14
C VAL A 265 9.36 10.05 9.61
N THR A 266 8.89 11.28 9.65
CA THR A 266 7.59 11.59 9.12
C THR A 266 7.69 11.77 7.62
N PRO A 267 6.79 11.13 6.86
CA PRO A 267 6.80 11.24 5.41
C PRO A 267 6.57 12.68 5.01
N GLY A 268 7.40 13.16 4.10
CA GLY A 268 7.26 14.46 3.56
C GLY A 268 7.90 15.54 4.40
N SER A 269 8.33 15.22 5.61
CA SER A 269 8.92 16.21 6.50
C SER A 269 10.29 16.65 6.03
N GLN A 270 10.83 17.70 6.65
CA GLN A 270 12.19 18.12 6.30
C GLN A 270 13.24 17.05 6.52
N SER A 271 13.06 16.24 7.56
CA SER A 271 14.00 15.19 7.88
CA SER A 271 14.00 15.19 7.88
C SER A 271 13.91 14.04 6.88
N SER A 272 12.88 14.02 6.06
CA SER A 272 12.73 12.95 5.06
C SER A 272 13.42 13.33 3.74
N ARG A 273 13.99 14.54 3.66
CA ARG A 273 14.77 14.96 2.52
C ARG A 273 16.26 15.07 2.85
N THR A 274 17.07 14.23 2.23
CA THR A 274 18.50 14.21 2.41
C THR A 274 19.22 14.81 1.19
N THR A 275 20.24 15.61 1.45
CA THR A 275 21.04 16.22 0.41
C THR A 275 22.43 15.68 0.58
N LEU A 276 22.93 15.03 -0.48
CA LEU A 276 24.26 14.45 -0.49
C LEU A 276 25.21 15.31 -1.32
N LYS A 277 26.50 15.18 -1.05
CA LYS A 277 27.54 15.98 -1.72
CA LYS A 277 27.53 15.98 -1.72
C LYS A 277 28.55 15.07 -2.39
N HIS A 278 28.87 15.35 -3.67
CA HIS A 278 29.90 14.61 -4.38
C HIS A 278 31.26 15.04 -3.86
N ARG A 279 32.28 14.24 -4.12
CA ARG A 279 33.65 14.59 -3.82
C ARG A 279 34.43 14.42 -5.10
N LEU A 280 35.45 15.24 -5.30
CA LEU A 280 36.34 15.08 -6.48
C LEU A 280 37.29 13.91 -6.29
N VAL A 281 37.22 12.94 -7.20
CA VAL A 281 38.13 11.81 -7.21
C VAL A 281 39.10 12.02 -8.38
N LEU A 282 40.35 12.31 -8.04
CA LEU A 282 41.38 12.60 -9.01
C LEU A 282 42.03 11.32 -9.49
N ARG A 283 42.00 11.11 -10.79
CA ARG A 283 42.64 9.92 -11.35
C ARG A 283 43.64 10.40 -12.39
N GLU A 284 43.59 9.89 -13.60
CA GLU A 284 44.59 10.28 -14.58
C GLU A 284 44.16 11.31 -15.57
N SER A 285 42.87 11.68 -15.63
CA SER A 285 42.42 12.55 -16.72
C SER A 285 42.49 14.02 -16.33
N THR A 286 43.12 14.30 -15.20
CA THR A 286 43.41 15.65 -14.78
C THR A 286 44.85 15.68 -14.28
N GLU A 287 45.42 16.88 -14.13
CA GLU A 287 46.75 16.98 -13.54
C GLU A 287 46.83 17.80 -12.26
N GLY A 288 47.47 17.24 -11.24
CA GLY A 288 47.67 17.92 -9.98
C GLY A 288 46.55 17.70 -8.97
N ALA B 14 -4.87 -9.15 -16.75
CA ALA B 14 -3.53 -9.27 -16.10
C ALA B 14 -2.52 -9.79 -17.11
N ARG B 15 -1.34 -9.17 -17.12
CA ARG B 15 -0.31 -9.56 -18.08
C ARG B 15 0.56 -10.65 -17.53
N THR B 16 1.18 -11.37 -18.44
CA THR B 16 2.24 -12.28 -18.17
C THR B 16 3.39 -11.56 -17.47
N SER B 17 3.86 -12.19 -16.40
CA SER B 17 4.95 -11.67 -15.60
C SER B 17 6.07 -12.71 -15.64
N VAL B 18 7.27 -12.26 -15.94
CA VAL B 18 8.43 -13.11 -16.10
C VAL B 18 9.46 -12.64 -15.05
N GLY B 19 10.00 -13.58 -14.32
CA GLY B 19 11.08 -13.25 -13.40
C GLY B 19 12.41 -13.48 -14.08
N LEU B 20 13.35 -12.59 -13.82
CA LEU B 20 14.65 -12.70 -14.39
C LEU B 20 15.64 -12.78 -13.23
N ALA B 21 16.37 -13.88 -13.16
CA ALA B 21 17.37 -14.06 -12.10
C ALA B 21 18.74 -13.94 -12.66
N ILE B 22 19.56 -13.06 -12.04
CA ILE B 22 20.95 -12.87 -12.42
C ILE B 22 21.82 -12.80 -11.16
N PRO B 23 23.05 -13.31 -11.26
CA PRO B 23 23.88 -13.45 -10.04
C PRO B 23 24.51 -12.17 -9.55
N ASP B 24 24.59 -11.18 -10.42
CA ASP B 24 25.06 -9.87 -9.99
C ASP B 24 24.73 -8.83 -11.06
N LEU B 25 24.90 -7.57 -10.68
CA LEU B 25 24.68 -6.43 -11.58
C LEU B 25 26.01 -5.72 -11.78
N THR B 26 27.08 -6.23 -11.13
CA THR B 26 28.39 -5.59 -11.17
C THR B 26 29.29 -6.08 -12.31
N ASN B 27 29.02 -7.27 -12.85
CA ASN B 27 29.66 -7.67 -14.09
C ASN B 27 28.76 -7.11 -15.18
N PRO B 28 29.27 -6.21 -16.06
CA PRO B 28 28.38 -5.52 -16.97
C PRO B 28 27.70 -6.40 -18.00
N TYR B 29 28.17 -7.63 -18.19
CA TYR B 29 27.40 -8.57 -18.98
C TYR B 29 25.96 -8.69 -18.51
N PHE B 30 25.73 -8.81 -17.19
CA PHE B 30 24.40 -9.12 -16.70
C PHE B 30 23.33 -8.02 -16.89
N PRO B 31 23.69 -6.76 -16.60
CA PRO B 31 22.76 -5.73 -16.99
C PRO B 31 22.52 -5.60 -18.52
N ALA B 32 23.52 -5.87 -19.37
CA ALA B 32 23.26 -5.89 -20.80
C ALA B 32 22.32 -7.03 -21.20
N PHE B 33 22.52 -8.20 -20.62
CA PHE B 33 21.66 -9.35 -20.86
C PHE B 33 20.25 -9.05 -20.40
N ALA B 34 20.16 -8.54 -19.18
CA ALA B 34 18.85 -8.23 -18.65
C ALA B 34 18.07 -7.18 -19.46
N SER B 35 18.76 -6.12 -19.85
CA SER B 35 18.16 -5.09 -20.65
C SER B 35 17.60 -5.64 -21.96
N SER B 36 18.33 -6.54 -22.61
CA SER B 36 17.84 -7.20 -23.82
C SER B 36 16.55 -8.00 -23.60
N VAL B 37 16.53 -8.82 -22.55
CA VAL B 37 15.34 -9.60 -22.25
C VAL B 37 14.17 -8.72 -21.89
N VAL B 38 14.43 -7.70 -21.10
CA VAL B 38 13.38 -6.81 -20.69
C VAL B 38 12.79 -6.12 -21.91
N GLU B 39 13.64 -5.65 -22.82
CA GLU B 39 13.17 -4.98 -24.05
C GLU B 39 12.17 -5.86 -24.79
N LEU B 40 12.59 -7.09 -25.12
CA LEU B 40 11.75 -7.99 -25.89
C LEU B 40 10.47 -8.39 -25.13
N ALA B 41 10.56 -8.63 -23.84
CA ALA B 41 9.38 -8.97 -23.06
C ALA B 41 8.43 -7.79 -22.97
N THR B 42 8.96 -6.61 -22.72
CA THR B 42 8.13 -5.43 -22.58
C THR B 42 7.35 -5.16 -23.91
N LEU B 43 8.01 -5.32 -25.04
CA LEU B 43 7.36 -5.16 -26.34
C LEU B 43 6.25 -6.20 -26.60
N ARG B 44 6.29 -7.34 -25.91
CA ARG B 44 5.19 -8.27 -25.97
C ARG B 44 4.06 -7.92 -25.04
N GLY B 45 4.21 -6.84 -24.28
CA GLY B 45 3.27 -6.45 -23.26
C GLY B 45 3.39 -7.20 -21.95
N TRP B 46 4.54 -7.85 -21.73
CA TRP B 46 4.75 -8.61 -20.51
C TRP B 46 5.44 -7.73 -19.44
N HIS B 47 5.33 -8.12 -18.17
CA HIS B 47 6.02 -7.43 -17.09
C HIS B 47 7.23 -8.29 -16.75
N VAL B 48 8.31 -7.64 -16.35
CA VAL B 48 9.51 -8.32 -15.91
C VAL B 48 9.95 -7.74 -14.56
N VAL B 49 10.32 -8.65 -13.65
CA VAL B 49 10.99 -8.28 -12.43
C VAL B 49 12.32 -8.99 -12.37
N VAL B 50 13.33 -8.23 -11.95
CA VAL B 50 14.70 -8.71 -11.89
C VAL B 50 15.05 -8.94 -10.41
N ASP B 51 15.66 -10.08 -10.14
CA ASP B 51 16.24 -10.38 -8.81
C ASP B 51 17.72 -10.57 -9.01
N ASP B 52 18.49 -9.61 -8.53
CA ASP B 52 19.92 -9.69 -8.48
C ASP B 52 20.24 -10.40 -7.16
N TYR B 53 20.65 -11.65 -7.26
CA TYR B 53 20.88 -12.45 -6.06
C TYR B 53 22.31 -12.52 -5.55
N GLY B 54 23.19 -11.66 -6.02
CA GLY B 54 24.58 -11.71 -5.66
C GLY B 54 24.84 -11.04 -4.31
N HIS B 55 24.01 -11.27 -3.32
CA HIS B 55 24.16 -10.59 -2.05
C HIS B 55 23.72 -11.51 -0.92
N GLY B 56 24.25 -11.31 0.29
CA GLY B 56 23.72 -12.03 1.48
C GLY B 56 23.76 -13.55 1.44
N GLY B 57 24.73 -14.07 0.71
CA GLY B 57 24.83 -15.52 0.52
C GLY B 57 23.74 -16.18 -0.29
N ARG B 58 22.93 -15.43 -1.04
CA ARG B 58 21.77 -16.05 -1.71
C ARG B 58 22.24 -16.82 -2.95
N SER B 59 21.42 -17.76 -3.40
CA SER B 59 21.75 -18.58 -4.57
C SER B 59 20.68 -18.39 -5.65
N GLY B 60 20.88 -19.03 -6.79
CA GLY B 60 19.90 -19.01 -7.87
C GLY B 60 18.61 -19.64 -7.47
N LEU B 61 18.68 -20.64 -6.59
CA LEU B 61 17.46 -21.25 -6.07
C LEU B 61 16.63 -20.29 -5.20
N ASP B 62 17.32 -19.53 -4.35
CA ASP B 62 16.67 -18.50 -3.52
C ASP B 62 16.01 -17.49 -4.42
N ALA B 63 16.66 -17.13 -5.52
CA ALA B 63 16.01 -16.22 -6.48
C ALA B 63 14.73 -16.75 -7.03
N VAL B 64 14.69 -18.02 -7.41
CA VAL B 64 13.48 -18.58 -7.97
C VAL B 64 12.43 -18.72 -6.92
N GLU B 65 12.82 -19.07 -5.71
CA GLU B 65 11.82 -19.15 -4.63
C GLU B 65 11.16 -17.79 -4.33
N HIS B 66 11.96 -16.73 -4.44
CA HIS B 66 11.47 -15.38 -4.16
C HIS B 66 10.48 -14.93 -5.28
N LEU B 67 10.84 -15.22 -6.52
CA LEU B 67 10.12 -14.76 -7.70
C LEU B 67 8.84 -15.54 -7.94
N ALA B 68 8.87 -16.83 -7.63
CA ALA B 68 7.83 -17.73 -8.05
C ALA B 68 6.39 -17.28 -7.73
N PRO B 69 6.11 -16.79 -6.51
CA PRO B 69 4.70 -16.40 -6.27
C PRO B 69 4.19 -15.25 -7.12
N GLN B 70 5.08 -14.52 -7.80
CA GLN B 70 4.69 -13.33 -8.54
C GLN B 70 4.85 -13.44 -10.06
N VAL B 71 5.31 -14.58 -10.56
CA VAL B 71 5.65 -14.77 -11.98
C VAL B 71 5.00 -16.02 -12.59
N ASP B 72 4.86 -16.00 -13.90
CA ASP B 72 4.37 -17.11 -14.70
C ASP B 72 5.49 -17.97 -15.27
N ALA B 73 6.72 -17.47 -15.18
CA ALA B 73 7.90 -18.12 -15.74
C ALA B 73 9.14 -17.42 -15.23
N VAL B 74 10.26 -18.08 -15.36
CA VAL B 74 11.54 -17.49 -14.96
C VAL B 74 12.58 -17.77 -16.05
N ILE B 75 13.32 -16.74 -16.37
CA ILE B 75 14.56 -16.88 -17.18
C ILE B 75 15.71 -16.53 -16.27
N GLY B 76 16.74 -17.40 -16.20
CA GLY B 76 17.76 -17.19 -15.21
C GLY B 76 19.12 -17.79 -15.49
N TYR B 77 20.16 -17.08 -15.05
CA TYR B 77 21.49 -17.66 -14.82
C TYR B 77 21.49 -18.09 -13.35
N LEU B 78 21.29 -19.37 -13.12
CA LEU B 78 21.07 -19.89 -11.78
C LEU B 78 22.29 -20.56 -11.15
N GLY B 79 23.35 -20.72 -11.92
CA GLY B 79 24.59 -21.29 -11.37
C GLY B 79 24.48 -22.72 -10.86
N GLY B 80 23.61 -23.53 -11.45
CA GLY B 80 23.53 -24.96 -11.15
C GLY B 80 22.24 -25.50 -10.58
N TYR B 81 21.26 -24.66 -10.27
CA TYR B 81 20.03 -25.10 -9.61
C TYR B 81 18.84 -25.39 -10.56
N ALA B 82 19.12 -25.73 -11.82
CA ALA B 82 18.00 -26.06 -12.73
C ALA B 82 16.91 -27.03 -12.23
N ASP B 83 17.30 -28.20 -11.71
CA ASP B 83 16.35 -29.21 -11.25
C ASP B 83 15.46 -28.72 -10.12
N GLN B 84 16.07 -28.19 -9.06
CA GLN B 84 15.28 -27.79 -7.91
C GLN B 84 14.43 -26.57 -8.24
N ALA B 85 15.00 -25.65 -9.01
CA ALA B 85 14.28 -24.45 -9.40
C ALA B 85 13.08 -24.81 -10.25
N GLN B 86 13.25 -25.73 -11.20
CA GLN B 86 12.09 -26.10 -12.02
C GLN B 86 10.99 -26.75 -11.13
N THR B 87 11.39 -27.50 -10.11
CA THR B 87 10.44 -28.13 -9.16
C THR B 87 9.66 -27.08 -8.34
N VAL B 88 10.35 -26.05 -7.85
CA VAL B 88 9.68 -24.93 -7.17
C VAL B 88 8.60 -24.33 -8.08
N LEU B 89 8.94 -24.20 -9.36
CA LEU B 89 8.04 -23.54 -10.31
C LEU B 89 6.91 -24.37 -10.78
N GLY B 90 6.98 -25.69 -10.59
CA GLY B 90 5.94 -26.57 -11.06
C GLY B 90 5.79 -26.57 -12.55
N ARG B 91 4.63 -26.16 -13.02
CA ARG B 91 4.35 -26.22 -14.46
C ARG B 91 4.79 -24.93 -15.20
N ARG B 92 5.17 -23.93 -14.43
CA ARG B 92 5.67 -22.70 -15.00
C ARG B 92 7.08 -22.93 -15.53
N PRO B 93 7.29 -22.59 -16.79
CA PRO B 93 8.61 -22.90 -17.37
C PRO B 93 9.75 -22.08 -16.79
N LEU B 94 10.87 -22.77 -16.59
CA LEU B 94 12.11 -22.19 -16.25
C LEU B 94 12.99 -22.33 -17.48
N ILE B 95 13.66 -21.26 -17.88
CA ILE B 95 14.69 -21.32 -18.93
C ILE B 95 15.97 -20.97 -18.27
N VAL B 96 16.92 -21.92 -18.24
CA VAL B 96 18.21 -21.68 -17.65
C VAL B 96 19.26 -21.37 -18.71
N LEU B 97 20.23 -20.54 -18.31
CA LEU B 97 21.35 -20.18 -19.16
C LEU B 97 22.66 -20.65 -18.63
N ASP B 98 23.47 -21.13 -19.55
CA ASP B 98 24.89 -21.48 -19.29
C ASP B 98 25.03 -22.51 -18.17
N GLU B 99 24.14 -23.49 -18.17
CA GLU B 99 24.30 -24.60 -17.28
C GLU B 99 23.60 -25.79 -17.87
N ASN B 100 23.92 -26.91 -17.27
CA ASN B 100 23.28 -28.18 -17.56
C ASN B 100 21.75 -28.03 -17.44
N PRO B 101 20.99 -28.30 -18.54
CA PRO B 101 19.55 -28.11 -18.53
C PRO B 101 18.81 -28.91 -17.49
N GLY B 102 19.35 -30.05 -17.05
CA GLY B 102 18.63 -30.95 -16.11
C GLY B 102 17.16 -31.06 -16.41
N GLY B 103 16.33 -30.89 -15.38
CA GLY B 103 14.89 -30.99 -15.51
C GLY B 103 14.19 -29.68 -15.84
N ALA B 104 14.95 -28.63 -16.19
CA ALA B 104 14.39 -27.33 -16.59
C ALA B 104 13.60 -27.48 -17.88
N ALA B 105 12.52 -26.72 -17.98
CA ALA B 105 11.69 -26.67 -19.21
C ALA B 105 12.47 -26.29 -20.44
N GLY B 106 13.43 -25.38 -20.29
CA GLY B 106 14.20 -24.86 -21.42
C GLY B 106 15.60 -24.46 -21.03
N SER B 107 16.48 -24.35 -22.02
CA SER B 107 17.86 -23.98 -21.76
C SER B 107 18.49 -23.31 -22.96
N ILE B 108 19.36 -22.35 -22.67
CA ILE B 108 20.21 -21.67 -23.66
C ILE B 108 21.63 -21.93 -23.22
N ASN B 109 22.41 -22.53 -24.09
CA ASN B 109 23.82 -22.82 -23.76
C ASN B 109 24.67 -22.30 -24.88
N PHE B 110 25.98 -22.32 -24.67
CA PHE B 110 26.93 -21.68 -25.59
C PHE B 110 27.98 -22.67 -26.09
N ASP B 111 28.45 -22.48 -27.32
CA ASP B 111 29.40 -23.42 -27.93
C ASP B 111 30.81 -23.00 -27.59
N TYR B 112 31.29 -23.44 -26.44
CA TYR B 112 32.62 -23.02 -26.00
C TYR B 112 33.78 -23.65 -26.81
N GLN B 113 33.56 -24.81 -27.39
CA GLN B 113 34.58 -25.42 -28.24
C GLN B 113 34.79 -24.58 -29.50
N HIS B 114 33.69 -24.11 -30.10
CA HIS B 114 33.77 -23.13 -31.18
C HIS B 114 34.47 -21.86 -30.76
N ALA B 115 34.04 -21.25 -29.67
CA ALA B 115 34.66 -20.02 -29.23
C ALA B 115 36.17 -20.20 -28.95
N ALA B 116 36.53 -21.34 -28.36
CA ALA B 116 37.94 -21.63 -28.01
C ALA B 116 38.79 -21.74 -29.27
N LYS B 117 38.26 -22.45 -30.25
CA LYS B 117 38.94 -22.58 -31.54
C LYS B 117 39.16 -21.22 -32.20
N VAL B 118 38.12 -20.40 -32.26
CA VAL B 118 38.25 -19.11 -32.92
C VAL B 118 39.24 -18.17 -32.24
N ALA B 119 39.16 -18.09 -30.92
CA ALA B 119 39.99 -17.12 -30.18
C ALA B 119 41.46 -17.54 -30.25
N VAL B 120 41.69 -18.83 -30.06
CA VAL B 120 43.05 -19.38 -30.10
C VAL B 120 43.59 -19.16 -31.50
N ALA B 121 42.77 -19.37 -32.53
CA ALA B 121 43.21 -19.14 -33.92
C ALA B 121 43.79 -17.76 -34.12
N GLN B 122 43.15 -16.75 -33.51
CA GLN B 122 43.58 -15.38 -33.71
C GLN B 122 45.00 -15.22 -33.19
N LEU B 123 45.27 -15.82 -32.03
CA LEU B 123 46.59 -15.72 -31.42
C LEU B 123 47.61 -16.60 -32.21
N MET B 124 47.16 -17.70 -32.82
CA MET B 124 48.08 -18.49 -33.67
C MET B 124 48.44 -17.71 -34.95
N ASP B 125 47.44 -17.04 -35.55
CA ASP B 125 47.64 -16.20 -36.73
C ASP B 125 48.65 -15.10 -36.57
N SER B 126 48.70 -14.50 -35.40
CA SER B 126 49.64 -13.44 -35.16
C SER B 126 50.87 -14.02 -34.47
N LYS B 127 51.05 -15.34 -34.49
CA LYS B 127 52.34 -15.97 -34.12
C LYS B 127 52.71 -15.85 -32.67
N ARG B 128 51.71 -15.72 -31.81
CA ARG B 128 52.00 -15.61 -30.39
C ARG B 128 52.52 -16.96 -29.87
N GLN B 129 53.60 -16.90 -29.10
CA GLN B 129 54.38 -18.08 -28.68
C GLN B 129 54.26 -18.36 -27.20
N HIS B 130 53.76 -17.37 -26.44
CA HIS B 130 53.68 -17.56 -25.00
C HIS B 130 52.30 -17.09 -24.55
N ILE B 131 51.36 -18.01 -24.55
CA ILE B 131 49.98 -17.70 -24.27
C ILE B 131 49.62 -17.95 -22.81
N ALA B 132 48.72 -17.12 -22.28
CA ALA B 132 48.12 -17.39 -20.98
C ALA B 132 46.59 -17.38 -21.09
N TYR B 133 45.95 -18.20 -20.28
CA TYR B 133 44.51 -18.17 -20.17
C TYR B 133 44.21 -17.75 -18.77
N LEU B 134 43.39 -16.73 -18.63
CA LEU B 134 42.95 -16.28 -17.30
C LEU B 134 41.56 -16.75 -17.01
N GLU B 135 41.46 -17.65 -16.04
CA GLU B 135 40.21 -18.23 -15.66
C GLU B 135 39.66 -17.60 -14.39
N ALA B 136 38.34 -17.55 -14.32
CA ALA B 136 37.66 -17.19 -13.10
C ALA B 136 37.60 -18.34 -12.14
N GLY B 137 38.00 -18.08 -10.90
CA GLY B 137 37.92 -19.10 -9.83
C GLY B 137 38.57 -18.59 -8.56
N SER B 138 39.28 -19.45 -7.84
CA SER B 138 40.00 -19.02 -6.62
C SER B 138 41.48 -18.71 -6.86
N PRO B 145 45.86 -24.49 -10.89
CA PRO B 145 46.51 -25.72 -11.33
C PRO B 145 45.78 -26.23 -12.57
N VAL B 146 44.47 -26.35 -12.48
CA VAL B 146 43.67 -26.96 -13.56
C VAL B 146 42.44 -26.09 -13.86
N PRO B 147 41.99 -26.01 -15.13
CA PRO B 147 40.77 -25.23 -15.40
C PRO B 147 39.54 -25.83 -14.73
N CYS B 148 38.73 -24.97 -14.14
CA CYS B 148 37.54 -25.36 -13.43
C CYS B 148 36.24 -24.98 -14.16
N THR B 149 36.29 -24.25 -15.29
CA THR B 149 35.07 -23.84 -15.96
C THR B 149 34.90 -24.49 -17.32
N VAL B 150 33.68 -24.55 -17.80
CA VAL B 150 33.45 -25.22 -19.06
C VAL B 150 34.23 -24.50 -20.15
N ARG B 151 34.19 -23.16 -20.16
CA ARG B 151 34.89 -22.44 -21.23
C ARG B 151 36.40 -22.55 -21.03
N GLY B 152 36.84 -22.57 -19.78
CA GLY B 152 38.26 -22.72 -19.50
C GLY B 152 38.81 -24.07 -20.00
N LYS B 153 38.05 -25.11 -19.75
CA LYS B 153 38.34 -26.45 -20.25
C LYS B 153 38.40 -26.55 -21.76
N ALA B 154 37.50 -25.86 -22.45
CA ALA B 154 37.56 -25.79 -23.88
C ALA B 154 38.82 -25.09 -24.41
N VAL B 155 39.19 -23.96 -23.82
CA VAL B 155 40.40 -23.23 -24.22
C VAL B 155 41.67 -24.11 -23.95
N ALA B 156 41.76 -24.69 -22.78
CA ALA B 156 42.83 -25.60 -22.42
C ALA B 156 42.91 -26.79 -23.39
N GLY B 157 41.75 -27.35 -23.72
CA GLY B 157 41.60 -28.40 -24.73
C GLY B 157 42.21 -28.06 -26.06
N ARG B 158 41.87 -26.89 -26.58
CA ARG B 158 42.37 -26.48 -27.86
C ARG B 158 43.84 -26.17 -27.86
N LEU B 159 44.32 -25.47 -26.83
CA LEU B 159 45.75 -25.18 -26.71
C LEU B 159 46.59 -26.48 -26.59
N ASP B 160 46.07 -27.46 -25.85
CA ASP B 160 46.79 -28.74 -25.69
C ASP B 160 46.76 -29.55 -26.99
N GLU B 161 45.67 -29.44 -27.76
CA GLU B 161 45.53 -30.13 -29.04
C GLU B 161 46.54 -29.57 -30.04
N LEU B 162 46.74 -28.26 -29.99
CA LEU B 162 47.70 -27.60 -30.86
C LEU B 162 49.13 -27.75 -30.45
N GLY B 163 49.34 -28.05 -29.18
CA GLY B 163 50.65 -28.12 -28.61
C GLY B 163 51.28 -26.81 -28.19
N ALA B 164 50.47 -25.79 -28.04
CA ALA B 164 50.98 -24.47 -27.70
C ALA B 164 51.57 -24.47 -26.31
N SER B 165 52.60 -23.64 -26.14
CA SER B 165 53.23 -23.44 -24.86
C SER B 165 52.38 -22.39 -24.17
N TRP B 166 51.65 -22.83 -23.15
CA TRP B 166 50.69 -21.94 -22.46
C TRP B 166 50.62 -22.16 -20.97
N SER B 167 50.05 -21.19 -20.26
CA SER B 167 49.98 -21.18 -18.79
C SER B 167 48.59 -20.75 -18.33
N LEU B 168 48.18 -21.29 -17.21
CA LEU B 168 46.92 -21.00 -16.61
C LEU B 168 47.09 -19.98 -15.46
N ILE B 169 46.24 -18.96 -15.44
CA ILE B 169 46.19 -17.95 -14.35
C ILE B 169 44.75 -18.04 -13.83
N VAL B 170 44.58 -18.10 -12.52
CA VAL B 170 43.23 -18.17 -11.96
C VAL B 170 43.07 -16.94 -11.08
N ALA B 171 41.92 -16.29 -11.15
CA ALA B 171 41.68 -15.15 -10.29
C ALA B 171 40.18 -14.99 -10.08
N GLU B 172 39.84 -14.31 -8.99
CA GLU B 172 38.45 -13.94 -8.74
C GLU B 172 37.97 -13.10 -9.95
N GLU B 173 36.68 -13.22 -10.25
CA GLU B 173 36.10 -12.64 -11.44
C GLU B 173 35.71 -11.14 -11.24
N THR B 174 36.72 -10.32 -11.04
CA THR B 174 36.61 -8.87 -11.03
C THR B 174 37.79 -8.36 -11.85
N ALA B 175 37.67 -7.12 -12.32
CA ALA B 175 38.73 -6.48 -13.07
C ALA B 175 39.94 -6.27 -12.17
N GLU B 176 39.71 -5.91 -10.91
CA GLU B 176 40.87 -5.65 -10.00
C GLU B 176 41.62 -6.93 -9.69
N ALA B 177 40.91 -8.02 -9.44
CA ALA B 177 41.57 -9.29 -9.18
C ALA B 177 42.31 -9.82 -10.41
N ALA B 178 41.72 -9.63 -11.59
CA ALA B 178 42.39 -9.93 -12.86
C ALA B 178 43.66 -9.09 -13.11
N ARG B 179 43.62 -7.78 -12.82
CA ARG B 179 44.80 -6.90 -12.95
C ARG B 179 45.91 -7.45 -12.03
N GLU B 180 45.56 -7.70 -10.79
CA GLU B 180 46.53 -8.10 -9.78
C GLU B 180 47.19 -9.41 -10.20
N ALA B 181 46.38 -10.38 -10.63
CA ALA B 181 46.89 -11.69 -11.05
C ALA B 181 47.73 -11.60 -12.31
N ALA B 182 47.22 -10.88 -13.31
CA ALA B 182 48.00 -10.62 -14.52
C ALA B 182 49.30 -9.92 -14.20
N ALA B 183 49.28 -8.93 -13.31
CA ALA B 183 50.49 -8.18 -13.01
C ALA B 183 51.60 -9.09 -12.43
N ALA B 184 51.22 -9.92 -11.47
CA ALA B 184 52.12 -10.86 -10.85
C ALA B 184 52.67 -11.91 -11.83
N PHE B 185 51.81 -12.37 -12.73
CA PHE B 185 52.17 -13.40 -13.68
C PHE B 185 53.17 -12.85 -14.68
N LEU B 186 52.99 -11.59 -15.08
CA LEU B 186 53.88 -10.98 -16.04
C LEU B 186 55.29 -10.86 -15.42
N ARG B 187 55.37 -10.53 -14.15
CA ARG B 187 56.68 -10.43 -13.50
C ARG B 187 57.42 -11.78 -13.53
N GLU B 188 56.69 -12.86 -13.34
CA GLU B 188 57.31 -14.19 -13.40
C GLU B 188 57.49 -14.73 -14.81
N HIS B 189 56.71 -14.21 -15.75
CA HIS B 189 56.71 -14.74 -17.11
C HIS B 189 56.68 -13.58 -18.08
N PRO B 190 57.80 -12.83 -18.15
CA PRO B 190 57.80 -11.57 -18.90
C PRO B 190 57.57 -11.69 -20.42
N GLU B 191 57.89 -12.84 -21.00
CA GLU B 191 57.71 -13.07 -22.46
C GLU B 191 56.24 -13.28 -22.93
N THR B 192 55.29 -13.36 -21.98
CA THR B 192 53.86 -13.58 -22.35
C THR B 192 53.41 -12.61 -23.41
N ASP B 193 52.90 -13.09 -24.54
CA ASP B 193 52.50 -12.22 -25.64
C ASP B 193 51.05 -12.45 -26.16
N GLY B 194 50.32 -13.37 -25.55
CA GLY B 194 48.90 -13.53 -25.85
C GLY B 194 48.15 -13.90 -24.58
N ILE B 195 47.10 -13.15 -24.27
CA ILE B 195 46.29 -13.49 -23.09
C ILE B 195 44.84 -13.62 -23.54
N LEU B 196 44.25 -14.76 -23.19
CA LEU B 196 42.83 -15.00 -23.36
C LEU B 196 42.20 -14.93 -21.97
N ALA B 197 41.15 -14.12 -21.81
CA ALA B 197 40.50 -13.93 -20.53
C ALA B 197 39.13 -14.58 -20.50
N PHE B 198 38.77 -15.08 -19.33
CA PHE B 198 37.49 -15.72 -19.11
C PHE B 198 36.30 -14.86 -19.59
N ASN B 199 36.35 -13.55 -19.32
CA ASN B 199 35.35 -12.62 -19.87
C ASN B 199 35.94 -11.22 -20.03
N ASP B 200 35.13 -10.31 -20.57
CA ASP B 200 35.56 -8.96 -20.86
C ASP B 200 35.88 -8.13 -19.64
N LEU B 201 35.14 -8.33 -18.55
CA LEU B 201 35.46 -7.62 -17.28
C LEU B 201 36.90 -7.95 -16.85
N MET B 202 37.24 -9.23 -16.85
CA MET B 202 38.59 -9.62 -16.46
C MET B 202 39.57 -9.10 -17.48
N ALA B 203 39.25 -9.20 -18.76
CA ALA B 203 40.14 -8.65 -19.78
C ALA B 203 40.49 -7.19 -19.59
N ALA B 204 39.53 -6.39 -19.14
CA ALA B 204 39.81 -4.96 -18.91
C ALA B 204 40.88 -4.82 -17.82
N GLY B 205 40.84 -5.70 -16.84
CA GLY B 205 41.90 -5.73 -15.80
C GLY B 205 43.26 -6.17 -16.33
N VAL B 206 43.24 -7.12 -17.23
CA VAL B 206 44.47 -7.56 -17.91
C VAL B 206 45.12 -6.39 -18.66
N LEU B 207 44.33 -5.64 -19.41
CA LEU B 207 44.83 -4.51 -20.19
C LEU B 207 45.50 -3.48 -19.30
N LYS B 208 44.98 -3.31 -18.09
CA LYS B 208 45.52 -2.37 -17.13
C LYS B 208 46.83 -2.86 -16.55
N ALA B 209 46.95 -4.16 -16.33
CA ALA B 209 48.20 -4.78 -15.90
C ALA B 209 49.25 -4.61 -16.98
N LEU B 210 48.87 -4.82 -18.21
CA LEU B 210 49.79 -4.63 -19.35
C LEU B 210 50.27 -3.19 -19.48
N SER B 211 49.34 -2.25 -19.53
CA SER B 211 49.66 -0.80 -19.49
C SER B 211 50.58 -0.41 -18.35
N GLY B 212 50.22 -0.88 -17.17
CA GLY B 212 50.97 -0.65 -15.97
C GLY B 212 52.39 -1.18 -15.99
N SER B 213 52.64 -2.22 -16.77
CA SER B 213 53.94 -2.89 -16.79
C SER B 213 54.84 -2.34 -17.90
N GLY B 214 54.29 -1.47 -18.72
CA GLY B 214 55.04 -0.82 -19.75
C GLY B 214 54.93 -1.49 -21.08
N ARG B 215 54.08 -2.52 -21.20
CA ARG B 215 53.91 -3.22 -22.47
C ARG B 215 52.89 -2.57 -23.39
N ARG B 216 53.22 -2.57 -24.66
CA ARG B 216 52.36 -2.08 -25.71
C ARG B 216 51.41 -3.18 -26.15
N VAL B 217 50.17 -2.82 -26.42
CA VAL B 217 49.15 -3.77 -26.82
C VAL B 217 48.66 -3.26 -28.15
N PRO B 218 48.66 -4.08 -29.21
CA PRO B 218 48.85 -5.50 -29.19
C PRO B 218 50.28 -5.92 -29.49
N GLU B 219 51.18 -4.95 -29.68
CA GLU B 219 52.51 -5.25 -30.24
C GLU B 219 53.31 -6.17 -29.33
N ASP B 220 53.35 -5.86 -28.02
CA ASP B 220 54.00 -6.73 -27.02
C ASP B 220 53.15 -7.91 -26.51
N CYS B 221 51.86 -7.69 -26.38
CA CYS B 221 50.94 -8.73 -25.91
C CYS B 221 49.55 -8.39 -26.43
N ALA B 222 48.90 -9.37 -27.04
CA ALA B 222 47.51 -9.22 -27.47
C ALA B 222 46.55 -9.69 -26.37
N VAL B 223 45.33 -9.17 -26.35
CA VAL B 223 44.31 -9.59 -25.35
C VAL B 223 43.00 -9.86 -26.07
N ILE B 224 42.37 -10.99 -25.74
CA ILE B 224 41.06 -11.30 -26.27
C ILE B 224 40.16 -11.67 -25.09
N GLY B 225 39.01 -11.01 -25.03
CA GLY B 225 37.97 -11.30 -24.02
C GLY B 225 36.85 -12.22 -24.48
N MET B 226 35.77 -12.26 -23.69
CA MET B 226 34.52 -12.94 -24.06
C MET B 226 33.35 -12.21 -23.42
N ASP B 227 32.29 -12.06 -24.22
CA ASP B 227 30.95 -11.53 -23.85
C ASP B 227 30.48 -10.53 -24.88
N GLY B 228 31.35 -9.61 -25.28
CA GLY B 228 30.96 -8.48 -26.13
C GLY B 228 30.23 -7.35 -25.42
N ILE B 229 30.61 -7.06 -24.18
CA ILE B 229 29.99 -5.91 -23.47
C ILE B 229 30.36 -4.56 -24.12
N PRO B 230 29.45 -3.59 -24.05
CA PRO B 230 29.67 -2.28 -24.64
C PRO B 230 30.94 -1.60 -24.15
N LEU B 231 31.28 -1.84 -22.91
CA LEU B 231 32.51 -1.34 -22.28
C LEU B 231 33.76 -1.53 -23.15
N GLY B 232 33.81 -2.65 -23.86
CA GLY B 232 34.91 -2.97 -24.74
C GLY B 232 35.25 -1.91 -25.75
N GLU B 233 34.26 -1.13 -26.17
CA GLU B 233 34.44 -0.07 -27.19
C GLU B 233 34.98 1.22 -26.58
N LEU B 234 35.04 1.27 -25.26
CA LEU B 234 35.44 2.48 -24.57
C LEU B 234 36.77 2.38 -23.95
N LEU B 235 37.29 1.16 -23.85
CA LEU B 235 38.65 0.99 -23.39
C LEU B 235 39.66 1.49 -24.42
N SER B 236 40.88 1.70 -23.96
CA SER B 236 41.98 2.06 -24.82
C SER B 236 43.18 1.22 -24.42
N PRO B 237 43.61 0.30 -25.28
CA PRO B 237 42.93 -0.06 -26.51
C PRO B 237 41.56 -0.72 -26.39
N GLN B 238 40.75 -0.55 -27.41
CA GLN B 238 39.48 -1.20 -27.50
C GLN B 238 39.70 -2.70 -27.52
N LEU B 239 38.82 -3.41 -26.83
CA LEU B 239 38.97 -4.85 -26.56
C LEU B 239 38.47 -5.76 -27.68
N SER B 240 39.38 -6.57 -28.23
CA SER B 240 38.92 -7.64 -29.08
C SER B 240 38.29 -8.71 -28.21
N THR B 241 37.25 -9.37 -28.71
CA THR B 241 36.45 -10.27 -27.89
C THR B 241 35.63 -11.29 -28.68
N MET B 242 35.30 -12.40 -28.02
CA MET B 242 34.34 -13.37 -28.51
C MET B 242 32.99 -12.82 -28.02
N ALA B 243 32.27 -12.19 -28.92
CA ALA B 243 31.07 -11.48 -28.54
C ALA B 243 29.86 -12.32 -28.77
N LEU B 244 28.93 -12.16 -27.84
CA LEU B 244 27.57 -12.65 -28.00
C LEU B 244 26.69 -11.48 -28.48
N ASP B 245 25.83 -11.76 -29.44
CA ASP B 245 24.90 -10.77 -29.95
C ASP B 245 23.78 -10.75 -28.89
N LEU B 246 23.74 -9.70 -28.09
CA LEU B 246 22.83 -9.65 -26.95
C LEU B 246 21.38 -9.58 -27.37
N ARG B 247 21.10 -8.96 -28.52
CA ARG B 247 19.75 -9.07 -29.06
C ARG B 247 19.39 -10.54 -29.35
N GLU B 248 20.37 -11.29 -29.83
CA GLU B 248 20.13 -12.70 -30.20
C GLU B 248 19.92 -13.54 -28.95
N VAL B 249 20.68 -13.25 -27.89
CA VAL B 249 20.56 -14.08 -26.68
C VAL B 249 19.19 -13.79 -26.06
N GLY B 250 18.77 -12.52 -26.06
CA GLY B 250 17.48 -12.13 -25.55
C GLY B 250 16.33 -12.73 -26.34
N ARG B 251 16.42 -12.65 -27.65
CA ARG B 251 15.42 -13.27 -28.53
C ARG B 251 15.35 -14.78 -28.35
N ALA B 252 16.50 -15.43 -28.27
CA ALA B 252 16.52 -16.86 -28.01
C ALA B 252 15.72 -17.22 -26.74
N ALA B 253 15.90 -16.48 -25.65
CA ALA B 253 15.23 -16.80 -24.40
C ALA B 253 13.74 -16.50 -24.46
N VAL B 254 13.40 -15.36 -25.00
CA VAL B 254 12.01 -14.96 -25.08
C VAL B 254 11.20 -15.79 -26.07
N GLU B 255 11.77 -16.14 -27.20
CA GLU B 255 11.02 -16.99 -28.17
C GLU B 255 10.81 -18.39 -27.61
N LEU B 256 11.85 -18.93 -26.96
CA LEU B 256 11.75 -20.21 -26.30
C LEU B 256 10.61 -20.16 -25.26
N LEU B 257 10.52 -19.06 -24.53
CA LEU B 257 9.46 -18.90 -23.55
C LEU B 257 8.07 -18.82 -24.18
N VAL B 258 7.96 -18.10 -25.29
CA VAL B 258 6.68 -18.06 -26.03
C VAL B 258 6.27 -19.48 -26.44
N GLY B 259 7.24 -20.22 -26.97
CA GLY B 259 7.03 -21.59 -27.35
C GLY B 259 6.59 -22.46 -26.19
N LEU B 260 7.25 -22.30 -25.04
CA LEU B 260 6.93 -23.08 -23.88
C LEU B 260 5.54 -22.74 -23.34
N LEU B 261 5.25 -21.44 -23.23
CA LEU B 261 3.96 -21.04 -22.71
C LEU B 261 2.82 -21.45 -23.64
N SER B 262 3.05 -21.39 -24.96
CA SER B 262 1.97 -21.66 -25.92
C SER B 262 1.75 -23.14 -26.17
N GLY B 263 2.69 -23.98 -25.75
CA GLY B 263 2.64 -25.40 -26.04
C GLY B 263 3.29 -25.79 -27.35
N ALA B 264 3.81 -24.82 -28.10
CA ALA B 264 4.51 -25.12 -29.34
C ALA B 264 5.78 -25.90 -29.10
N VAL B 265 6.40 -25.67 -27.95
CA VAL B 265 7.58 -26.42 -27.52
C VAL B 265 7.33 -27.24 -26.27
N THR B 266 7.75 -28.49 -26.30
CA THR B 266 7.55 -29.40 -25.21
C THR B 266 8.68 -29.25 -24.22
N PRO B 267 8.35 -29.00 -22.92
CA PRO B 267 9.38 -28.80 -21.91
C PRO B 267 10.32 -29.96 -21.88
N GLY B 268 11.62 -29.69 -21.87
CA GLY B 268 12.58 -30.80 -21.70
C GLY B 268 12.98 -31.52 -22.99
N SER B 269 12.30 -31.23 -24.09
CA SER B 269 12.63 -31.84 -25.38
C SER B 269 13.85 -31.22 -26.02
N GLN B 270 14.31 -31.85 -27.09
CA GLN B 270 15.42 -31.31 -27.88
C GLN B 270 15.16 -29.88 -28.37
N SER B 271 13.94 -29.63 -28.81
CA SER B 271 13.51 -28.33 -29.33
C SER B 271 13.52 -27.23 -28.19
N SER B 272 13.61 -27.65 -26.95
CA SER B 272 13.72 -26.72 -25.85
C SER B 272 15.13 -26.40 -25.42
N ARG B 273 16.12 -27.06 -26.01
CA ARG B 273 17.52 -26.79 -25.70
C ARG B 273 18.12 -26.08 -26.91
N THR B 274 18.57 -24.85 -26.71
CA THR B 274 19.14 -24.01 -27.77
C THR B 274 20.61 -23.84 -27.47
N THR B 275 21.42 -23.85 -28.52
CA THR B 275 22.82 -23.54 -28.42
C THR B 275 23.18 -22.34 -29.27
N LEU B 276 23.86 -21.36 -28.67
CA LEU B 276 24.26 -20.16 -29.42
C LEU B 276 25.79 -20.12 -29.59
N LYS B 277 26.25 -19.40 -30.61
CA LYS B 277 27.69 -19.25 -30.88
C LYS B 277 28.12 -17.82 -30.68
N HIS B 278 29.35 -17.65 -30.19
CA HIS B 278 30.00 -16.32 -30.18
C HIS B 278 30.60 -16.04 -31.56
N ARG B 279 30.96 -14.79 -31.79
CA ARG B 279 31.64 -14.34 -33.01
C ARG B 279 32.80 -13.48 -32.60
N LEU B 280 33.89 -13.54 -33.37
CA LEU B 280 35.05 -12.79 -33.02
C LEU B 280 34.86 -11.34 -33.50
N VAL B 281 35.06 -10.39 -32.60
CA VAL B 281 35.03 -8.97 -32.92
C VAL B 281 36.43 -8.43 -32.67
N LEU B 282 37.12 -8.06 -33.74
CA LEU B 282 38.47 -7.55 -33.62
C LEU B 282 38.46 -6.03 -33.42
N ARG B 283 39.16 -5.55 -32.42
CA ARG B 283 39.23 -4.11 -32.18
C ARG B 283 40.70 -3.79 -32.17
N GLU B 284 41.23 -3.16 -31.14
CA GLU B 284 42.59 -2.70 -31.14
C GLU B 284 43.53 -3.53 -30.27
N SER B 285 43.01 -4.47 -29.49
CA SER B 285 43.83 -5.25 -28.56
C SER B 285 44.43 -6.52 -29.17
N THR B 286 44.13 -6.75 -30.43
CA THR B 286 44.77 -7.74 -31.29
C THR B 286 45.28 -7.04 -32.57
N GLU B 287 46.17 -7.70 -33.29
CA GLU B 287 46.61 -7.25 -34.63
C GLU B 287 46.18 -8.29 -35.66
N GLY B 288 45.08 -8.04 -36.38
CA GLY B 288 44.53 -9.02 -37.34
C GLY B 288 43.46 -8.47 -38.24
N ALA C 14 3.95 9.56 12.88
CA ALA C 14 3.23 8.71 11.89
C ALA C 14 2.52 7.53 12.57
N ARG C 15 1.20 7.65 12.75
CA ARG C 15 0.44 6.55 13.33
C ARG C 15 -0.02 5.62 12.23
N THR C 16 -0.17 4.34 12.58
CA THR C 16 -0.83 3.33 11.76
C THR C 16 -2.26 3.77 11.55
N SER C 17 -2.70 3.62 10.31
CA SER C 17 -4.06 4.01 9.93
C SER C 17 -4.79 2.79 9.37
N VAL C 18 -5.99 2.53 9.89
CA VAL C 18 -6.82 1.40 9.57
C VAL C 18 -8.17 1.85 9.02
N GLY C 19 -8.59 1.22 7.94
CA GLY C 19 -9.89 1.50 7.35
C GLY C 19 -10.87 0.45 7.74
N LEU C 20 -12.09 0.87 8.09
CA LEU C 20 -13.09 -0.11 8.42
C LEU C 20 -14.23 -0.01 7.41
N ALA C 21 -14.52 -1.11 6.70
CA ALA C 21 -15.58 -1.09 5.67
C ALA C 21 -16.80 -1.82 6.21
N ILE C 22 -17.94 -1.13 6.26
CA ILE C 22 -19.17 -1.78 6.65
C ILE C 22 -20.32 -1.52 5.66
N PRO C 23 -21.18 -2.50 5.49
CA PRO C 23 -22.20 -2.40 4.45
C PRO C 23 -23.31 -1.46 4.78
N ASP C 24 -23.54 -1.19 6.07
CA ASP C 24 -24.51 -0.16 6.45
C ASP C 24 -24.32 0.25 7.87
N LEU C 25 -25.02 1.30 8.28
CA LEU C 25 -25.05 1.72 9.69
C LEU C 25 -26.46 1.58 10.27
N THR C 26 -27.39 1.04 9.49
CA THR C 26 -28.80 0.90 9.86
C THR C 26 -29.14 -0.47 10.49
N ASN C 27 -28.31 -1.48 10.29
CA ASN C 27 -28.44 -2.69 11.12
C ASN C 27 -27.56 -2.42 12.33
N PRO C 28 -28.15 -2.43 13.55
CA PRO C 28 -27.35 -2.05 14.70
C PRO C 28 -26.12 -2.91 15.02
N TYR C 29 -26.03 -4.11 14.47
CA TYR C 29 -24.78 -4.88 14.64
C TYR C 29 -23.55 -4.08 14.16
N PHE C 30 -23.67 -3.35 13.05
CA PHE C 30 -22.51 -2.71 12.43
C PHE C 30 -21.90 -1.53 13.17
N PRO C 31 -22.71 -0.56 13.65
CA PRO C 31 -22.13 0.41 14.56
C PRO C 31 -21.55 -0.21 15.85
N ALA C 32 -22.17 -1.28 16.37
CA ALA C 32 -21.61 -1.95 17.55
C ALA C 32 -20.26 -2.60 17.23
N PHE C 33 -20.22 -3.33 16.12
CA PHE C 33 -18.97 -3.90 15.64
C PHE C 33 -17.91 -2.82 15.40
N ALA C 34 -18.25 -1.80 14.65
CA ALA C 34 -17.33 -0.72 14.38
C ALA C 34 -16.81 -0.03 15.66
N SER C 35 -17.69 0.30 16.59
CA SER C 35 -17.29 0.95 17.84
C SER C 35 -16.21 0.09 18.59
N SER C 36 -16.42 -1.21 18.62
CA SER C 36 -15.53 -2.13 19.33
C SER C 36 -14.15 -2.08 18.67
N VAL C 37 -14.11 -2.14 17.33
CA VAL C 37 -12.83 -2.06 16.61
C VAL C 37 -12.14 -0.75 16.80
N VAL C 38 -12.90 0.35 16.72
CA VAL C 38 -12.33 1.67 16.84
C VAL C 38 -11.74 1.83 18.25
N GLU C 39 -12.44 1.29 19.25
CA GLU C 39 -11.97 1.32 20.66
C GLU C 39 -10.59 0.67 20.78
N LEU C 40 -10.47 -0.55 20.33
CA LEU C 40 -9.19 -1.28 20.50
C LEU C 40 -8.11 -0.66 19.66
N ALA C 41 -8.44 -0.17 18.46
CA ALA C 41 -7.46 0.48 17.62
C ALA C 41 -6.97 1.80 18.21
N THR C 42 -7.91 2.59 18.69
CA THR C 42 -7.61 3.86 19.27
C THR C 42 -6.67 3.67 20.48
N LEU C 43 -6.91 2.61 21.23
CA LEU C 43 -6.07 2.35 22.42
C LEU C 43 -4.62 1.96 22.08
N ARG C 44 -4.40 1.37 20.90
CA ARG C 44 -3.03 1.15 20.40
C ARG C 44 -2.39 2.41 19.81
N GLY C 45 -3.12 3.52 19.76
CA GLY C 45 -2.66 4.75 19.16
C GLY C 45 -2.88 4.79 17.64
N TRP C 46 -3.74 3.93 17.14
CA TRP C 46 -3.99 3.91 15.70
C TRP C 46 -5.09 4.93 15.36
N HIS C 47 -5.10 5.39 14.11
CA HIS C 47 -6.24 6.13 13.56
C HIS C 47 -7.12 5.16 12.78
N VAL C 48 -8.43 5.36 12.84
CA VAL C 48 -9.35 4.54 12.12
C VAL C 48 -10.30 5.45 11.33
N VAL C 49 -10.54 5.09 10.07
CA VAL C 49 -11.65 5.75 9.28
C VAL C 49 -12.69 4.72 8.82
N VAL C 50 -13.98 5.06 8.93
CA VAL C 50 -15.03 4.17 8.60
C VAL C 50 -15.65 4.59 7.25
N ASP C 51 -15.83 3.62 6.36
CA ASP C 51 -16.59 3.83 5.09
C ASP C 51 -17.84 2.96 5.15
N ASP C 52 -18.98 3.61 5.26
CA ASP C 52 -20.27 2.97 5.21
C ASP C 52 -20.64 3.00 3.74
N TYR C 53 -20.58 1.84 3.12
CA TYR C 53 -20.76 1.79 1.67
C TYR C 53 -22.18 1.44 1.22
N GLY C 54 -23.14 1.47 2.12
CA GLY C 54 -24.50 0.96 1.79
C GLY C 54 -25.36 2.04 1.14
N HIS C 55 -24.77 2.77 0.19
CA HIS C 55 -25.38 3.89 -0.46
C HIS C 55 -24.97 3.98 -1.93
N GLY C 56 -25.86 4.52 -2.78
CA GLY C 56 -25.50 4.76 -4.18
C GLY C 56 -25.03 3.56 -5.02
N GLY C 57 -25.45 2.36 -4.66
CA GLY C 57 -25.02 1.12 -5.31
C GLY C 57 -23.57 0.73 -5.11
N ARG C 58 -22.88 1.38 -4.15
CA ARG C 58 -21.48 1.05 -3.86
C ARG C 58 -21.33 -0.36 -3.32
N SER C 59 -20.18 -0.96 -3.56
CA SER C 59 -19.88 -2.30 -3.07
C SER C 59 -18.72 -2.27 -2.05
N GLY C 60 -18.46 -3.43 -1.46
CA GLY C 60 -17.31 -3.61 -0.57
C GLY C 60 -16.01 -3.36 -1.28
N LEU C 61 -15.96 -3.68 -2.58
CA LEU C 61 -14.77 -3.37 -3.35
C LEU C 61 -14.60 -1.89 -3.49
N ASP C 62 -15.68 -1.14 -3.79
CA ASP C 62 -15.58 0.33 -3.80
C ASP C 62 -15.05 0.91 -2.47
N ALA C 63 -15.55 0.40 -1.35
CA ALA C 63 -15.04 0.86 -0.04
C ALA C 63 -13.56 0.69 0.06
N VAL C 64 -13.05 -0.47 -0.35
CA VAL C 64 -11.62 -0.72 -0.26
C VAL C 64 -10.83 0.14 -1.21
N GLU C 65 -11.32 0.32 -2.45
CA GLU C 65 -10.64 1.25 -3.39
C GLU C 65 -10.56 2.66 -2.83
N HIS C 66 -11.63 3.10 -2.19
CA HIS C 66 -11.65 4.40 -1.57
C HIS C 66 -10.66 4.48 -0.39
N LEU C 67 -10.70 3.51 0.50
CA LEU C 67 -9.86 3.59 1.71
C LEU C 67 -8.35 3.40 1.48
N ALA C 68 -8.00 2.52 0.53
CA ALA C 68 -6.65 1.99 0.41
C ALA C 68 -5.53 3.07 0.50
N PRO C 69 -5.64 4.17 -0.29
CA PRO C 69 -4.54 5.16 -0.27
C PRO C 69 -4.33 5.87 1.07
N GLN C 70 -5.33 5.86 1.96
CA GLN C 70 -5.25 6.57 3.24
C GLN C 70 -5.09 5.63 4.41
N VAL C 71 -4.95 4.34 4.15
CA VAL C 71 -4.77 3.36 5.23
C VAL C 71 -3.65 2.38 4.98
N ASP C 72 -3.24 1.68 6.05
CA ASP C 72 -2.22 0.65 6.02
C ASP C 72 -2.81 -0.76 5.98
N ALA C 73 -4.12 -0.85 6.18
CA ALA C 73 -4.84 -2.12 6.37
C ALA C 73 -6.34 -1.83 6.42
N VAL C 74 -7.15 -2.83 6.08
CA VAL C 74 -8.60 -2.72 6.15
C VAL C 74 -9.14 -3.89 6.91
N ILE C 75 -10.15 -3.59 7.72
CA ILE C 75 -10.92 -4.61 8.40
C ILE C 75 -12.32 -4.39 7.90
N GLY C 76 -13.03 -5.44 7.47
CA GLY C 76 -14.32 -5.22 6.87
C GLY C 76 -15.25 -6.39 6.70
N TYR C 77 -16.51 -6.03 6.55
CA TYR C 77 -17.53 -6.89 5.98
C TYR C 77 -17.74 -6.44 4.53
N LEU C 78 -17.30 -7.23 3.56
CA LEU C 78 -17.16 -6.77 2.16
C LEU C 78 -18.17 -7.31 1.18
N GLY C 79 -19.15 -8.04 1.68
CA GLY C 79 -20.23 -8.57 0.82
C GLY C 79 -19.85 -9.48 -0.32
N GLY C 80 -18.75 -10.23 -0.19
CA GLY C 80 -18.31 -11.13 -1.24
C GLY C 80 -17.07 -10.75 -2.01
N TYR C 81 -16.53 -9.55 -1.74
CA TYR C 81 -15.43 -9.00 -2.50
C TYR C 81 -14.05 -9.16 -1.85
N ALA C 82 -13.92 -10.04 -0.85
CA ALA C 82 -12.63 -10.24 -0.19
C ALA C 82 -11.44 -10.39 -1.14
N ASP C 83 -11.55 -11.28 -2.13
CA ASP C 83 -10.42 -11.64 -2.94
C ASP C 83 -9.98 -10.46 -3.83
N GLN C 84 -10.94 -9.83 -4.47
CA GLN C 84 -10.61 -8.67 -5.32
C GLN C 84 -10.11 -7.49 -4.48
N ALA C 85 -10.69 -7.31 -3.29
CA ALA C 85 -10.23 -6.24 -2.39
C ALA C 85 -8.78 -6.43 -1.97
N GLN C 86 -8.37 -7.65 -1.63
CA GLN C 86 -6.99 -7.89 -1.26
C GLN C 86 -6.08 -7.63 -2.44
N THR C 87 -6.54 -7.96 -3.65
CA THR C 87 -5.77 -7.61 -4.86
C THR C 87 -5.49 -6.12 -4.97
N VAL C 88 -6.51 -5.29 -4.76
CA VAL C 88 -6.37 -3.84 -4.79
C VAL C 88 -5.36 -3.38 -3.71
N LEU C 89 -5.49 -3.97 -2.52
CA LEU C 89 -4.68 -3.54 -1.39
C LEU C 89 -3.22 -3.95 -1.56
N GLY C 90 -2.96 -4.98 -2.35
CA GLY C 90 -1.60 -5.45 -2.52
C GLY C 90 -1.14 -6.17 -1.28
N ARG C 91 -0.07 -5.68 -0.68
CA ARG C 91 0.42 -6.27 0.55
C ARG C 91 -0.11 -5.59 1.79
N ARG C 92 -0.92 -4.54 1.60
CA ARG C 92 -1.62 -3.95 2.73
C ARG C 92 -2.71 -4.97 3.17
N PRO C 93 -2.64 -5.40 4.42
CA PRO C 93 -3.53 -6.51 4.78
C PRO C 93 -5.00 -6.18 4.88
N LEU C 94 -5.81 -7.11 4.38
CA LEU C 94 -7.24 -7.11 4.55
C LEU C 94 -7.59 -8.20 5.52
N ILE C 95 -8.41 -7.84 6.50
CA ILE C 95 -9.08 -8.79 7.39
C ILE C 95 -10.55 -8.70 7.11
N VAL C 96 -11.09 -9.81 6.60
CA VAL C 96 -12.50 -9.89 6.30
C VAL C 96 -13.24 -10.73 7.31
N LEU C 97 -14.54 -10.44 7.45
CA LEU C 97 -15.38 -11.18 8.36
C LEU C 97 -16.55 -11.83 7.65
N ASP C 98 -16.84 -13.07 8.03
CA ASP C 98 -18.11 -13.74 7.69
C ASP C 98 -18.31 -13.99 6.21
N GLU C 99 -17.23 -14.23 5.50
CA GLU C 99 -17.31 -14.62 4.11
C GLU C 99 -16.09 -15.46 3.75
N ASN C 100 -16.14 -16.11 2.60
CA ASN C 100 -14.98 -16.88 2.12
C ASN C 100 -13.86 -15.87 1.80
N PRO C 101 -12.71 -15.96 2.48
CA PRO C 101 -11.75 -14.85 2.37
C PRO C 101 -10.95 -14.84 1.10
N GLY C 102 -10.98 -15.95 0.36
CA GLY C 102 -10.01 -16.15 -0.72
C GLY C 102 -8.60 -15.82 -0.25
N GLY C 103 -7.92 -15.00 -1.05
CA GLY C 103 -6.57 -14.54 -0.81
C GLY C 103 -6.40 -13.43 0.23
N ALA C 104 -7.43 -13.06 0.97
CA ALA C 104 -7.32 -11.97 1.96
C ALA C 104 -6.29 -12.40 2.97
N ALA C 105 -5.53 -11.44 3.50
CA ALA C 105 -4.46 -11.73 4.44
C ALA C 105 -4.96 -12.40 5.74
N GLY C 106 -6.13 -11.98 6.21
CA GLY C 106 -6.74 -12.52 7.41
C GLY C 106 -8.24 -12.62 7.31
N SER C 107 -8.80 -13.49 8.14
CA SER C 107 -10.23 -13.79 8.10
C SER C 107 -10.70 -14.24 9.46
N ILE C 108 -11.88 -13.74 9.80
CA ILE C 108 -12.66 -14.19 10.94
C ILE C 108 -13.99 -14.79 10.47
N ASN C 109 -14.21 -16.06 10.84
CA ASN C 109 -15.50 -16.73 10.55
C ASN C 109 -16.13 -17.23 11.87
N PHE C 110 -17.38 -17.66 11.79
CA PHE C 110 -18.18 -18.00 12.96
C PHE C 110 -18.65 -19.43 12.82
N ASP C 111 -18.71 -20.14 13.95
CA ASP C 111 -19.14 -21.56 13.96
C ASP C 111 -20.66 -21.63 13.94
N TYR C 112 -21.26 -21.67 12.76
CA TYR C 112 -22.70 -21.64 12.67
C TYR C 112 -23.33 -22.99 12.92
N GLN C 113 -22.61 -24.08 12.70
CA GLN C 113 -23.07 -25.38 13.19
C GLN C 113 -23.24 -25.45 14.70
N HIS C 114 -22.31 -24.86 15.42
CA HIS C 114 -22.46 -24.72 16.85
C HIS C 114 -23.64 -23.84 17.23
N ALA C 115 -23.79 -22.71 16.55
CA ALA C 115 -24.87 -21.80 16.87
C ALA C 115 -26.24 -22.48 16.70
N ALA C 116 -26.38 -23.16 15.56
CA ALA C 116 -27.61 -23.85 15.20
C ALA C 116 -27.97 -24.95 16.20
N LYS C 117 -26.98 -25.72 16.63
CA LYS C 117 -27.20 -26.78 17.63
C LYS C 117 -27.72 -26.18 18.93
N VAL C 118 -27.07 -25.14 19.41
CA VAL C 118 -27.41 -24.54 20.67
C VAL C 118 -28.78 -23.88 20.62
N ALA C 119 -29.06 -23.18 19.54
CA ALA C 119 -30.35 -22.42 19.43
C ALA C 119 -31.56 -23.36 19.27
N VAL C 120 -31.39 -24.36 18.43
CA VAL C 120 -32.40 -25.37 18.22
C VAL C 120 -32.65 -26.18 19.50
N ALA C 121 -31.59 -26.40 20.26
CA ALA C 121 -31.66 -27.19 21.49
C ALA C 121 -32.54 -26.50 22.50
N GLN C 122 -32.44 -25.17 22.54
CA GLN C 122 -33.30 -24.39 23.40
C GLN C 122 -34.76 -24.57 23.07
N LEU C 123 -35.07 -24.53 21.77
CA LEU C 123 -36.46 -24.75 21.33
C LEU C 123 -36.95 -26.17 21.62
N MET C 124 -36.09 -27.18 21.43
CA MET C 124 -36.44 -28.57 21.80
C MET C 124 -36.64 -28.76 23.30
N ASP C 125 -35.85 -28.09 24.14
CA ASP C 125 -36.01 -28.15 25.59
C ASP C 125 -37.31 -27.52 26.04
N SER C 126 -37.81 -26.54 25.28
CA SER C 126 -39.12 -25.94 25.55
C SER C 126 -40.21 -26.72 24.83
N LYS C 127 -39.83 -27.80 24.13
CA LYS C 127 -40.78 -28.69 23.45
C LYS C 127 -41.64 -27.97 22.43
N ARG C 128 -41.03 -27.04 21.73
CA ARG C 128 -41.77 -26.37 20.66
C ARG C 128 -41.95 -27.36 19.54
N GLN C 129 -43.13 -27.36 18.93
CA GLN C 129 -43.52 -28.37 17.95
C GLN C 129 -43.64 -27.88 16.55
N HIS C 130 -43.78 -26.58 16.38
CA HIS C 130 -43.94 -25.98 15.06
C HIS C 130 -42.96 -24.79 14.92
N ILE C 131 -41.77 -25.09 14.46
CA ILE C 131 -40.66 -24.12 14.48
C ILE C 131 -40.56 -23.48 13.12
N ALA C 132 -40.27 -22.18 13.06
CA ALA C 132 -40.00 -21.52 11.78
C ALA C 132 -38.60 -20.86 11.82
N TYR C 133 -37.87 -20.88 10.70
CA TYR C 133 -36.61 -20.15 10.53
C TYR C 133 -36.86 -18.99 9.59
N LEU C 134 -36.49 -17.79 10.01
CA LEU C 134 -36.60 -16.62 9.19
C LEU C 134 -35.22 -16.26 8.68
N GLU C 135 -35.06 -16.36 7.38
CA GLU C 135 -33.79 -16.17 6.66
C GLU C 135 -33.79 -14.81 5.99
N ALA C 136 -32.63 -14.17 5.92
CA ALA C 136 -32.48 -12.92 5.15
C ALA C 136 -32.32 -13.26 3.68
N GLY C 137 -33.04 -12.59 2.79
CA GLY C 137 -32.92 -12.83 1.35
C GLY C 137 -34.03 -12.14 0.55
N SER C 138 -34.72 -12.92 -0.28
CA SER C 138 -35.95 -12.46 -0.95
C SER C 138 -36.83 -13.63 -1.41
N VAL C 146 -35.67 -22.74 -0.03
CA VAL C 146 -34.29 -23.18 0.15
C VAL C 146 -33.48 -22.13 0.92
N PRO C 147 -32.82 -22.54 2.03
CA PRO C 147 -31.95 -21.58 2.73
C PRO C 147 -30.78 -21.16 1.85
N CYS C 148 -30.51 -19.86 1.80
CA CYS C 148 -29.48 -19.29 0.93
C CYS C 148 -28.20 -18.88 1.66
N THR C 149 -28.23 -18.74 3.00
CA THR C 149 -27.04 -18.30 3.75
C THR C 149 -26.39 -19.42 4.50
N VAL C 150 -25.12 -19.24 4.84
CA VAL C 150 -24.41 -20.25 5.56
C VAL C 150 -25.10 -20.55 6.88
N ARG C 151 -25.42 -19.51 7.65
CA ARG C 151 -26.09 -19.75 8.92
C ARG C 151 -27.46 -20.39 8.75
N GLY C 152 -28.19 -20.03 7.70
CA GLY C 152 -29.53 -20.62 7.43
C GLY C 152 -29.45 -22.09 7.04
N LYS C 153 -28.41 -22.43 6.28
CA LYS C 153 -28.15 -23.83 5.96
C LYS C 153 -27.81 -24.63 7.17
N ALA C 154 -27.04 -24.07 8.09
CA ALA C 154 -26.73 -24.71 9.34
C ALA C 154 -27.98 -25.03 10.18
N VAL C 155 -28.91 -24.07 10.28
CA VAL C 155 -30.12 -24.23 11.07
C VAL C 155 -31.03 -25.30 10.47
N ALA C 156 -31.20 -25.25 9.15
CA ALA C 156 -32.02 -26.20 8.43
C ALA C 156 -31.44 -27.60 8.58
N GLY C 157 -30.12 -27.68 8.51
CA GLY C 157 -29.42 -28.95 8.68
C GLY C 157 -29.69 -29.53 10.05
N ARG C 158 -29.61 -28.69 11.07
CA ARG C 158 -29.82 -29.19 12.40
C ARG C 158 -31.28 -29.61 12.61
N LEU C 159 -32.21 -28.82 12.11
CA LEU C 159 -33.62 -29.17 12.20
C LEU C 159 -33.94 -30.47 11.46
N ASP C 160 -33.36 -30.64 10.26
CA ASP C 160 -33.62 -31.87 9.48
C ASP C 160 -33.09 -33.07 10.23
N GLU C 161 -31.82 -32.98 10.59
CA GLU C 161 -31.16 -33.96 11.42
C GLU C 161 -31.98 -34.38 12.65
N LEU C 162 -32.69 -33.46 13.26
CA LEU C 162 -33.47 -33.79 14.45
C LEU C 162 -34.90 -34.34 14.13
N GLY C 163 -35.25 -34.35 12.86
CA GLY C 163 -36.59 -34.72 12.41
C GLY C 163 -37.67 -33.73 12.79
N ALA C 164 -37.31 -32.49 13.09
CA ALA C 164 -38.31 -31.49 13.40
C ALA C 164 -39.18 -31.23 12.18
N SER C 165 -40.45 -30.88 12.40
CA SER C 165 -41.30 -30.39 11.32
C SER C 165 -41.21 -28.87 11.42
N TRP C 166 -40.52 -28.26 10.47
CA TRP C 166 -40.21 -26.80 10.56
C TRP C 166 -40.53 -26.16 9.25
N SER C 167 -40.61 -24.81 9.23
CA SER C 167 -40.86 -24.08 7.99
C SER C 167 -39.84 -22.95 7.78
N LEU C 168 -39.63 -22.59 6.52
CA LEU C 168 -38.68 -21.54 6.15
C LEU C 168 -39.44 -20.30 5.74
N ILE C 169 -39.10 -19.17 6.34
CA ILE C 169 -39.62 -17.87 5.91
C ILE C 169 -38.45 -17.06 5.36
N VAL C 170 -38.65 -16.37 4.25
CA VAL C 170 -37.60 -15.49 3.72
C VAL C 170 -38.11 -14.06 3.66
N ALA C 171 -37.23 -13.13 4.05
CA ALA C 171 -37.50 -11.70 3.98
C ALA C 171 -36.19 -10.89 3.83
N GLU C 172 -36.34 -9.70 3.31
CA GLU C 172 -35.28 -8.71 3.35
C GLU C 172 -34.87 -8.44 4.77
N GLU C 173 -33.63 -8.00 4.90
CA GLU C 173 -32.99 -7.94 6.19
C GLU C 173 -33.28 -6.60 6.90
N THR C 174 -34.56 -6.34 7.18
CA THR C 174 -34.93 -5.19 7.96
C THR C 174 -35.98 -5.63 8.96
N ALA C 175 -36.15 -4.86 10.04
CA ALA C 175 -37.18 -5.17 11.02
C ALA C 175 -38.58 -5.14 10.37
N GLU C 176 -38.86 -4.14 9.57
CA GLU C 176 -40.19 -4.05 8.95
C GLU C 176 -40.47 -5.16 7.93
N ALA C 177 -39.46 -5.54 7.16
CA ALA C 177 -39.64 -6.62 6.21
C ALA C 177 -39.87 -7.91 6.96
N ALA C 178 -39.10 -8.12 8.02
CA ALA C 178 -39.29 -9.29 8.86
C ALA C 178 -40.69 -9.33 9.48
N ARG C 179 -41.16 -8.20 9.99
CA ARG C 179 -42.49 -8.12 10.61
C ARG C 179 -43.56 -8.51 9.58
N GLU C 180 -43.50 -7.90 8.41
CA GLU C 180 -44.49 -8.16 7.38
C GLU C 180 -44.52 -9.63 6.97
N ALA C 181 -43.34 -10.25 6.80
CA ALA C 181 -43.22 -11.66 6.44
C ALA C 181 -43.66 -12.59 7.56
N ALA C 182 -43.33 -12.22 8.79
CA ALA C 182 -43.73 -13.04 9.91
C ALA C 182 -45.26 -12.96 10.10
N ALA C 183 -45.81 -11.76 9.95
CA ALA C 183 -47.28 -11.58 10.04
C ALA C 183 -48.03 -12.43 8.99
N ALA C 184 -47.57 -12.39 7.75
CA ALA C 184 -48.23 -13.16 6.69
C ALA C 184 -48.13 -14.65 7.02
N PHE C 185 -46.94 -15.11 7.39
CA PHE C 185 -46.75 -16.53 7.77
C PHE C 185 -47.62 -17.01 8.94
N LEU C 186 -47.76 -16.21 10.00
CA LEU C 186 -48.59 -16.61 11.16
C LEU C 186 -50.09 -16.73 10.87
N ARG C 187 -50.61 -15.93 9.96
CA ARG C 187 -51.99 -16.11 9.44
C ARG C 187 -52.19 -17.49 8.82
N GLU C 188 -51.22 -17.93 8.03
CA GLU C 188 -51.31 -19.26 7.43
C GLU C 188 -50.89 -20.38 8.38
N HIS C 189 -50.12 -20.07 9.41
CA HIS C 189 -49.58 -21.09 10.29
C HIS C 189 -49.66 -20.69 11.75
N PRO C 190 -50.89 -20.55 12.27
CA PRO C 190 -51.12 -20.05 13.62
C PRO C 190 -50.56 -20.94 14.71
N GLU C 191 -50.30 -22.20 14.37
CA GLU C 191 -49.72 -23.15 15.32
C GLU C 191 -48.27 -22.86 15.72
N THR C 192 -47.59 -21.99 14.95
CA THR C 192 -46.15 -21.71 15.15
C THR C 192 -45.82 -21.36 16.60
N ASP C 193 -44.89 -22.10 17.23
CA ASP C 193 -44.54 -21.77 18.59
C ASP C 193 -43.03 -21.58 18.83
N GLY C 194 -42.24 -21.52 17.77
CA GLY C 194 -40.83 -21.18 17.95
C GLY C 194 -40.31 -20.56 16.68
N ILE C 195 -39.63 -19.41 16.79
CA ILE C 195 -39.06 -18.77 15.62
C ILE C 195 -37.60 -18.40 15.91
N LEU C 196 -36.72 -18.89 15.05
CA LEU C 196 -35.30 -18.52 15.02
C LEU C 196 -35.10 -17.53 13.89
N ALA C 197 -34.49 -16.38 14.18
CA ALA C 197 -34.34 -15.34 13.17
C ALA C 197 -32.87 -15.23 12.77
N PHE C 198 -32.67 -14.83 11.53
CA PHE C 198 -31.37 -14.69 10.93
C PHE C 198 -30.47 -13.80 11.77
N ASN C 199 -31.02 -12.69 12.28
CA ASN C 199 -30.32 -11.81 13.22
C ASN C 199 -31.29 -11.08 14.13
N ASP C 200 -30.74 -10.36 15.09
CA ASP C 200 -31.54 -9.63 16.09
C ASP C 200 -32.45 -8.55 15.56
N LEU C 201 -31.99 -7.83 14.54
CA LEU C 201 -32.82 -6.82 13.89
C LEU C 201 -34.07 -7.45 13.31
N MET C 202 -33.90 -8.58 12.63
CA MET C 202 -35.08 -9.26 12.05
C MET C 202 -35.96 -9.84 13.17
N ALA C 203 -35.34 -10.37 14.22
CA ALA C 203 -36.08 -10.84 15.37
C ALA C 203 -36.92 -9.76 16.01
N ALA C 204 -36.42 -8.54 16.06
CA ALA C 204 -37.22 -7.45 16.61
C ALA C 204 -38.53 -7.27 15.81
N GLY C 205 -38.47 -7.41 14.51
CA GLY C 205 -39.67 -7.35 13.68
C GLY C 205 -40.60 -8.56 13.90
N VAL C 206 -40.03 -9.74 14.10
CA VAL C 206 -40.81 -10.94 14.45
C VAL C 206 -41.58 -10.74 15.79
N LEU C 207 -40.94 -10.18 16.79
CA LEU C 207 -41.62 -9.89 18.05
C LEU C 207 -42.85 -9.01 17.85
N LYS C 208 -42.71 -8.02 16.97
CA LYS C 208 -43.79 -7.10 16.69
C LYS C 208 -44.92 -7.77 15.93
N ALA C 209 -44.56 -8.67 15.00
CA ALA C 209 -45.56 -9.52 14.34
C ALA C 209 -46.33 -10.47 15.30
N LEU C 210 -45.62 -11.04 16.25
CA LEU C 210 -46.28 -11.89 17.23
C LEU C 210 -47.21 -11.08 18.14
N SER C 211 -46.76 -9.93 18.59
CA SER C 211 -47.59 -9.02 19.40
C SER C 211 -48.86 -8.59 18.68
N GLY C 212 -48.71 -8.20 17.41
CA GLY C 212 -49.81 -7.73 16.58
C GLY C 212 -50.82 -8.80 16.26
N SER C 213 -50.38 -10.04 16.28
CA SER C 213 -51.25 -11.18 16.02
C SER C 213 -51.81 -11.79 17.32
N GLY C 214 -51.56 -11.14 18.46
CA GLY C 214 -52.08 -11.58 19.75
C GLY C 214 -51.42 -12.78 20.39
N ARG C 215 -50.17 -13.07 20.04
CA ARG C 215 -49.46 -14.18 20.65
CA ARG C 215 -49.44 -14.19 20.63
C ARG C 215 -48.52 -13.75 21.74
N ARG C 216 -48.58 -14.41 22.88
CA ARG C 216 -47.67 -14.12 23.93
C ARG C 216 -46.26 -14.63 23.62
N VAL C 217 -45.24 -13.85 23.96
CA VAL C 217 -43.88 -14.33 23.89
C VAL C 217 -43.29 -14.22 25.28
N PRO C 218 -42.78 -15.31 25.81
CA PRO C 218 -42.58 -16.58 25.11
C PRO C 218 -43.70 -17.60 25.33
N GLU C 219 -44.74 -17.26 26.09
CA GLU C 219 -45.72 -18.31 26.48
C GLU C 219 -46.33 -19.03 25.28
N ASP C 220 -46.73 -18.30 24.25
CA ASP C 220 -47.31 -18.91 23.05
C ASP C 220 -46.27 -19.24 21.97
N CYS C 221 -45.31 -18.35 21.76
CA CYS C 221 -44.25 -18.54 20.77
C CYS C 221 -42.92 -18.00 21.30
N ALA C 222 -41.86 -18.80 21.21
CA ALA C 222 -40.53 -18.33 21.64
C ALA C 222 -39.83 -17.68 20.44
N VAL C 223 -38.93 -16.74 20.70
CA VAL C 223 -38.12 -16.13 19.61
C VAL C 223 -36.67 -16.12 20.04
N ILE C 224 -35.77 -16.51 19.12
CA ILE C 224 -34.35 -16.39 19.37
C ILE C 224 -33.66 -15.71 18.19
N GLY C 225 -32.84 -14.71 18.48
CA GLY C 225 -32.13 -14.01 17.42
C GLY C 225 -30.69 -14.45 17.29
N MET C 226 -29.92 -13.66 16.56
CA MET C 226 -28.47 -13.83 16.52
C MET C 226 -27.82 -12.47 16.38
N ASP C 227 -26.73 -12.29 17.12
CA ASP C 227 -25.83 -11.09 17.10
C ASP C 227 -25.50 -10.61 18.52
N GLY C 228 -26.51 -10.41 19.34
CA GLY C 228 -26.27 -9.91 20.68
C GLY C 228 -26.11 -8.40 20.68
N ILE C 229 -26.85 -7.73 19.82
CA ILE C 229 -26.85 -6.28 19.82
C ILE C 229 -27.51 -5.74 21.11
N PRO C 230 -27.05 -4.57 21.60
CA PRO C 230 -27.61 -3.89 22.78
C PRO C 230 -29.12 -3.65 22.74
N LEU C 231 -29.69 -3.47 21.54
CA LEU C 231 -31.11 -3.30 21.36
C LEU C 231 -31.92 -4.43 22.02
N GLY C 232 -31.38 -5.63 22.01
CA GLY C 232 -32.04 -6.81 22.60
C GLY C 232 -32.45 -6.66 24.05
N GLU C 233 -31.70 -5.88 24.80
CA GLU C 233 -32.02 -5.61 26.21
C GLU C 233 -33.10 -4.55 26.41
N LEU C 234 -33.46 -3.83 25.35
CA LEU C 234 -34.43 -2.75 25.43
C LEU C 234 -35.79 -3.13 24.88
N LEU C 235 -35.84 -4.23 24.15
CA LEU C 235 -37.09 -4.72 23.65
C LEU C 235 -37.88 -5.33 24.81
N SER C 236 -39.17 -5.49 24.55
CA SER C 236 -40.05 -6.13 25.50
CA SER C 236 -40.10 -6.11 25.51
C SER C 236 -40.89 -7.13 24.69
N PRO C 237 -40.75 -8.44 24.96
CA PRO C 237 -39.81 -9.06 25.88
C PRO C 237 -38.36 -8.83 25.40
N GLN C 238 -37.43 -8.77 26.34
CA GLN C 238 -36.03 -8.76 26.02
C GLN C 238 -35.70 -10.02 25.23
N LEU C 239 -34.83 -9.88 24.24
CA LEU C 239 -34.65 -10.89 23.20
C LEU C 239 -33.54 -11.88 23.56
N SER C 240 -33.88 -13.15 23.56
CA SER C 240 -32.86 -14.20 23.76
C SER C 240 -32.13 -14.31 22.43
N THR C 241 -30.87 -14.63 22.44
CA THR C 241 -30.12 -14.49 21.22
C THR C 241 -28.87 -15.34 21.29
N MET C 242 -28.44 -15.78 20.12
CA MET C 242 -27.07 -16.28 19.98
C MET C 242 -26.12 -15.08 19.80
N ALA C 243 -25.46 -14.70 20.88
CA ALA C 243 -24.72 -13.43 21.02
C ALA C 243 -23.25 -13.60 20.68
N LEU C 244 -22.71 -12.64 19.97
CA LEU C 244 -21.25 -12.52 19.86
C LEU C 244 -20.79 -11.58 20.94
N ASP C 245 -19.63 -11.88 21.52
CA ASP C 245 -19.00 -10.93 22.43
C ASP C 245 -18.28 -9.91 21.58
N LEU C 246 -18.81 -8.69 21.52
CA LEU C 246 -18.28 -7.74 20.54
C LEU C 246 -16.87 -7.26 20.87
N ARG C 247 -16.48 -7.32 22.15
CA ARG C 247 -15.11 -6.99 22.51
C ARG C 247 -14.16 -8.10 22.02
N GLU C 248 -14.62 -9.35 22.09
CA GLU C 248 -13.88 -10.53 21.58
C GLU C 248 -13.70 -10.47 20.06
N VAL C 249 -14.75 -10.09 19.33
CA VAL C 249 -14.66 -10.02 17.87
C VAL C 249 -13.73 -8.88 17.49
N GLY C 250 -13.87 -7.77 18.19
CA GLY C 250 -12.98 -6.65 17.95
C GLY C 250 -11.56 -7.04 18.27
N ARG C 251 -11.34 -7.74 19.37
CA ARG C 251 -9.97 -8.11 19.78
C ARG C 251 -9.35 -9.08 18.75
N ALA C 252 -10.13 -10.05 18.32
CA ALA C 252 -9.65 -11.01 17.33
C ALA C 252 -9.19 -10.28 16.07
N ALA C 253 -9.93 -9.30 15.59
CA ALA C 253 -9.59 -8.60 14.33
C ALA C 253 -8.33 -7.76 14.53
N VAL C 254 -8.30 -6.98 15.60
CA VAL C 254 -7.15 -6.15 15.87
C VAL C 254 -5.92 -7.01 16.17
N GLU C 255 -6.03 -8.07 16.94
CA GLU C 255 -4.85 -8.88 17.25
C GLU C 255 -4.35 -9.58 16.00
N LEU C 256 -5.26 -9.97 15.12
CA LEU C 256 -4.85 -10.53 13.86
C LEU C 256 -4.09 -9.52 13.02
N LEU C 257 -4.60 -8.29 13.00
CA LEU C 257 -3.90 -7.22 12.32
C LEU C 257 -2.53 -6.96 12.90
N VAL C 258 -2.42 -6.97 14.23
CA VAL C 258 -1.08 -6.77 14.84
C VAL C 258 -0.13 -7.81 14.28
N GLY C 259 -0.59 -9.07 14.28
CA GLY C 259 0.20 -10.19 13.81
C GLY C 259 0.63 -10.04 12.38
N LEU C 260 -0.28 -9.61 11.51
CA LEU C 260 0.04 -9.45 10.11
C LEU C 260 1.02 -8.31 9.84
N LEU C 261 0.81 -7.17 10.50
CA LEU C 261 1.65 -6.00 10.27
C LEU C 261 3.05 -6.28 10.79
N SER C 262 3.14 -7.00 11.90
CA SER C 262 4.44 -7.29 12.54
C SER C 262 5.25 -8.35 11.81
N GLY C 263 4.62 -9.12 10.93
CA GLY C 263 5.30 -10.23 10.23
C GLY C 263 5.22 -11.55 10.98
N ALA C 264 4.63 -11.52 12.19
CA ALA C 264 4.44 -12.72 12.99
C ALA C 264 3.40 -13.69 12.44
N VAL C 265 2.48 -13.23 11.61
CA VAL C 265 1.48 -14.11 11.01
C VAL C 265 1.65 -13.97 9.49
N THR C 266 1.74 -15.10 8.82
CA THR C 266 1.87 -15.09 7.39
C THR C 266 0.51 -14.89 6.73
N PRO C 267 0.37 -13.89 5.84
CA PRO C 267 -0.92 -13.62 5.19
C PRO C 267 -1.43 -14.86 4.53
N GLY C 268 -2.68 -15.24 4.81
CA GLY C 268 -3.32 -16.30 4.04
C GLY C 268 -3.00 -17.69 4.58
N SER C 269 -2.13 -17.76 5.57
CA SER C 269 -1.81 -19.01 6.22
C SER C 269 -2.97 -19.47 7.11
N GLN C 270 -2.96 -20.74 7.52
CA GLN C 270 -3.97 -21.23 8.45
C GLN C 270 -4.12 -20.42 9.72
N SER C 271 -3.01 -19.90 10.25
CA SER C 271 -3.04 -19.15 11.50
C SER C 271 -3.60 -17.73 11.27
N SER C 272 -3.81 -17.32 10.02
CA SER C 272 -4.45 -16.03 9.74
C SER C 272 -5.98 -16.12 9.62
N ARG C 273 -6.53 -17.33 9.82
CA ARG C 273 -7.97 -17.55 9.83
C ARG C 273 -8.39 -17.97 11.24
N THR C 274 -9.32 -17.21 11.81
CA THR C 274 -9.77 -17.38 13.19
C THR C 274 -11.25 -17.71 13.13
N THR C 275 -11.68 -18.62 13.99
CA THR C 275 -13.09 -19.01 14.08
C THR C 275 -13.57 -18.67 15.47
N LEU C 276 -14.67 -17.93 15.53
CA LEU C 276 -15.31 -17.54 16.78
C LEU C 276 -16.68 -18.22 16.96
N LYS C 277 -17.11 -18.30 18.22
CA LYS C 277 -18.40 -18.94 18.58
C LYS C 277 -19.32 -17.92 19.25
N HIS C 278 -20.60 -18.04 18.92
CA HIS C 278 -21.67 -17.33 19.62
C HIS C 278 -21.95 -18.06 20.94
N ARG C 279 -22.49 -17.35 21.90
CA ARG C 279 -23.03 -17.99 23.11
C ARG C 279 -24.49 -17.61 23.29
N LEU C 280 -25.28 -18.57 23.76
CA LEU C 280 -26.69 -18.34 23.97
C LEU C 280 -26.88 -17.44 25.19
N VAL C 281 -27.57 -16.33 24.99
CA VAL C 281 -27.90 -15.42 26.07
C VAL C 281 -29.42 -15.49 26.24
N LEU C 282 -29.86 -15.98 27.41
CA LEU C 282 -31.29 -16.18 27.69
C LEU C 282 -31.89 -14.93 28.30
N ARG C 283 -32.90 -14.36 27.65
CA ARG C 283 -33.59 -13.22 28.22
C ARG C 283 -35.06 -13.58 28.37
N GLU C 284 -35.99 -12.77 27.92
CA GLU C 284 -37.38 -13.01 28.23
C GLU C 284 -38.13 -13.73 27.13
N SER C 285 -37.54 -13.82 25.94
CA SER C 285 -38.31 -14.25 24.76
C SER C 285 -38.23 -15.77 24.52
N THR C 286 -37.57 -16.45 25.44
CA THR C 286 -37.60 -17.90 25.57
C THR C 286 -37.97 -18.29 27.01
N GLU C 287 -38.26 -19.57 27.26
CA GLU C 287 -38.48 -20.06 28.63
C GLU C 287 -37.24 -20.66 29.27
N ARG D 15 -12.21 13.12 -6.45
CA ARG D 15 -13.48 13.81 -6.07
C ARG D 15 -13.53 14.29 -4.63
N THR D 16 -14.57 15.03 -4.34
CA THR D 16 -14.68 15.76 -3.09
C THR D 16 -14.81 14.74 -1.99
N SER D 17 -14.09 14.98 -0.91
CA SER D 17 -13.98 14.06 0.19
C SER D 17 -14.42 14.86 1.42
N VAL D 18 -15.41 14.35 2.14
CA VAL D 18 -15.92 15.00 3.33
C VAL D 18 -15.67 14.13 4.57
N GLY D 19 -15.17 14.74 5.62
CA GLY D 19 -15.01 14.05 6.88
C GLY D 19 -16.25 14.23 7.75
N LEU D 20 -16.68 13.16 8.39
CA LEU D 20 -17.82 13.19 9.28
C LEU D 20 -17.36 12.79 10.71
N ALA D 21 -17.42 13.73 11.65
CA ALA D 21 -16.99 13.50 13.03
C ALA D 21 -18.18 13.29 13.95
N ILE D 22 -18.26 12.11 14.58
CA ILE D 22 -19.30 11.86 15.57
C ILE D 22 -18.71 11.39 16.89
N PRO D 23 -19.38 11.71 18.02
CA PRO D 23 -18.77 11.40 19.32
C PRO D 23 -18.87 9.99 19.81
N ASP D 24 -19.78 9.21 19.22
CA ASP D 24 -19.91 7.79 19.51
C ASP D 24 -20.79 7.16 18.44
N LEU D 25 -20.77 5.84 18.44
CA LEU D 25 -21.62 4.99 17.61
C LEU D 25 -22.62 4.18 18.44
N THR D 26 -22.58 4.36 19.77
CA THR D 26 -23.35 3.56 20.68
C THR D 26 -24.74 4.18 20.99
N ASN D 27 -24.85 5.48 20.88
CA ASN D 27 -26.19 6.12 20.90
C ASN D 27 -26.72 5.99 19.48
N PRO D 28 -27.82 5.26 19.28
CA PRO D 28 -28.27 5.04 17.90
C PRO D 28 -28.59 6.28 17.04
N TYR D 29 -28.74 7.44 17.66
CA TYR D 29 -28.89 8.66 16.90
C TYR D 29 -27.72 8.86 15.94
N PHE D 30 -26.51 8.59 16.41
CA PHE D 30 -25.34 8.95 15.60
C PHE D 30 -25.15 8.09 14.37
N PRO D 31 -25.33 6.76 14.48
CA PRO D 31 -25.30 6.00 13.21
C PRO D 31 -26.40 6.36 12.19
N ALA D 32 -27.55 6.78 12.70
CA ALA D 32 -28.65 7.16 11.84
C ALA D 32 -28.36 8.51 11.19
N PHE D 33 -27.79 9.42 11.96
CA PHE D 33 -27.38 10.72 11.43
C PHE D 33 -26.30 10.49 10.39
N ALA D 34 -25.32 9.66 10.74
CA ALA D 34 -24.18 9.41 9.86
C ALA D 34 -24.64 8.75 8.56
N SER D 35 -25.53 7.78 8.67
CA SER D 35 -26.09 7.13 7.51
C SER D 35 -26.75 8.15 6.54
N SER D 36 -27.58 9.06 7.05
CA SER D 36 -28.18 10.13 6.25
C SER D 36 -27.21 11.02 5.55
N VAL D 37 -26.21 11.52 6.28
CA VAL D 37 -25.20 12.33 5.65
C VAL D 37 -24.46 11.57 4.56
N VAL D 38 -24.07 10.32 4.83
CA VAL D 38 -23.33 9.56 3.84
C VAL D 38 -24.22 9.30 2.58
N GLU D 39 -25.47 9.00 2.81
CA GLU D 39 -26.45 8.79 1.69
C GLU D 39 -26.46 10.02 0.78
N LEU D 40 -26.71 11.21 1.35
CA LEU D 40 -26.87 12.42 0.52
C LEU D 40 -25.52 12.83 -0.10
N ALA D 41 -24.43 12.64 0.63
CA ALA D 41 -23.10 12.89 0.06
C ALA D 41 -22.76 11.97 -1.09
N THR D 42 -23.04 10.69 -0.92
CA THR D 42 -22.76 9.70 -1.93
C THR D 42 -23.54 9.98 -3.23
N LEU D 43 -24.79 10.39 -3.08
CA LEU D 43 -25.62 10.73 -4.24
C LEU D 43 -25.09 11.94 -5.00
N ARG D 44 -24.26 12.79 -4.38
CA ARG D 44 -23.58 13.86 -5.09
C ARG D 44 -22.27 13.47 -5.74
N GLY D 45 -21.88 12.22 -5.52
CA GLY D 45 -20.59 11.73 -5.93
C GLY D 45 -19.45 11.98 -4.97
N TRP D 46 -19.75 12.38 -3.73
CA TRP D 46 -18.65 12.62 -2.80
C TRP D 46 -18.30 11.35 -2.07
N HIS D 47 -17.10 11.35 -1.50
CA HIS D 47 -16.64 10.28 -0.61
C HIS D 47 -16.74 10.79 0.82
N VAL D 48 -17.12 9.91 1.72
CA VAL D 48 -17.15 10.27 3.16
C VAL D 48 -16.32 9.32 3.99
N VAL D 49 -15.56 9.85 4.92
CA VAL D 49 -14.90 9.08 5.97
C VAL D 49 -15.42 9.54 7.31
N VAL D 50 -15.78 8.56 8.13
CA VAL D 50 -16.30 8.80 9.44
C VAL D 50 -15.23 8.54 10.49
N ASP D 51 -15.09 9.50 11.41
CA ASP D 51 -14.27 9.32 12.61
C ASP D 51 -15.20 9.28 13.82
N ASP D 52 -15.29 8.12 14.44
CA ASP D 52 -15.98 7.92 15.73
C ASP D 52 -14.91 8.22 16.79
N TYR D 53 -15.03 9.36 17.43
CA TYR D 53 -14.01 9.80 18.38
C TYR D 53 -14.31 9.53 19.85
N GLY D 54 -15.31 8.72 20.14
CA GLY D 54 -15.73 8.41 21.49
C GLY D 54 -14.85 7.32 22.11
N HIS D 55 -13.54 7.48 21.94
CA HIS D 55 -12.61 6.52 22.46
C HIS D 55 -11.35 7.21 22.90
N GLY D 56 -10.74 6.63 23.95
CA GLY D 56 -9.44 7.10 24.47
C GLY D 56 -9.30 8.58 24.78
N GLY D 57 -10.38 9.18 25.25
CA GLY D 57 -10.38 10.60 25.51
C GLY D 57 -10.25 11.52 24.32
N ARG D 58 -10.43 11.02 23.10
CA ARG D 58 -10.37 11.94 21.96
C ARG D 58 -11.52 12.95 22.00
N SER D 59 -11.26 14.11 21.44
CA SER D 59 -12.23 15.17 21.33
C SER D 59 -12.60 15.42 19.87
N GLY D 60 -13.61 16.25 19.69
CA GLY D 60 -14.03 16.70 18.37
C GLY D 60 -12.90 17.40 17.66
N LEU D 61 -12.05 18.08 18.41
CA LEU D 61 -10.86 18.69 17.82
C LEU D 61 -9.86 17.63 17.31
N ASP D 62 -9.65 16.56 18.08
CA ASP D 62 -8.78 15.44 17.62
C ASP D 62 -9.33 14.84 16.29
N ALA D 63 -10.65 14.68 16.22
CA ALA D 63 -11.28 14.16 15.00
C ALA D 63 -11.02 15.02 13.82
N VAL D 64 -11.07 16.34 13.98
CA VAL D 64 -10.87 17.22 12.87
C VAL D 64 -9.37 17.24 12.50
N GLU D 65 -8.47 17.19 13.50
CA GLU D 65 -7.03 17.08 13.21
C GLU D 65 -6.70 15.83 12.38
N HIS D 66 -7.30 14.72 12.76
CA HIS D 66 -7.12 13.45 12.06
C HIS D 66 -7.64 13.51 10.61
N LEU D 67 -8.83 14.05 10.40
CA LEU D 67 -9.45 14.04 9.06
C LEU D 67 -8.88 15.06 8.11
N ALA D 68 -8.47 16.21 8.62
CA ALA D 68 -8.13 17.37 7.77
C ALA D 68 -7.26 17.04 6.55
N PRO D 69 -6.14 16.32 6.75
CA PRO D 69 -5.26 16.06 5.57
C PRO D 69 -5.89 15.26 4.43
N GLN D 70 -7.02 14.58 4.69
CA GLN D 70 -7.65 13.72 3.69
C GLN D 70 -8.96 14.25 3.17
N VAL D 71 -9.41 15.41 3.67
CA VAL D 71 -10.72 15.90 3.33
C VAL D 71 -10.71 17.33 2.82
N ASP D 72 -11.77 17.63 2.07
CA ASP D 72 -12.07 18.97 1.59
C ASP D 72 -13.05 19.74 2.45
N ALA D 73 -13.68 19.08 3.41
CA ALA D 73 -14.64 19.73 4.31
C ALA D 73 -14.98 18.76 5.40
N VAL D 74 -15.53 19.26 6.49
CA VAL D 74 -15.94 18.44 7.60
C VAL D 74 -17.36 18.85 8.02
N ILE D 75 -18.17 17.83 8.29
CA ILE D 75 -19.45 17.97 9.00
C ILE D 75 -19.31 17.22 10.33
N GLY D 76 -19.61 17.86 11.46
CA GLY D 76 -19.42 17.20 12.73
C GLY D 76 -20.23 17.63 13.91
N TYR D 77 -20.51 16.68 14.80
CA TYR D 77 -20.90 17.00 16.17
C TYR D 77 -19.60 17.07 16.96
N LEU D 78 -19.13 18.28 17.23
CA LEU D 78 -17.78 18.49 17.79
C LEU D 78 -17.71 18.73 19.31
N GLY D 79 -18.85 18.87 19.97
CA GLY D 79 -18.90 19.07 21.43
C GLY D 79 -18.21 20.33 21.94
N GLY D 80 -18.17 21.37 21.11
CA GLY D 80 -17.70 22.71 21.51
C GLY D 80 -16.53 23.30 20.76
N TYR D 81 -15.91 22.53 19.86
CA TYR D 81 -14.61 22.92 19.25
C TYR D 81 -14.70 23.63 17.88
N ALA D 82 -15.85 24.24 17.57
CA ALA D 82 -15.99 24.94 16.27
C ALA D 82 -14.86 25.91 15.83
N ASP D 83 -14.38 26.79 16.72
CA ASP D 83 -13.43 27.84 16.31
C ASP D 83 -12.06 27.24 15.95
N GLN D 84 -11.54 26.46 16.88
CA GLN D 84 -10.23 25.83 16.67
C GLN D 84 -10.29 24.90 15.49
N ALA D 85 -11.34 24.09 15.42
CA ALA D 85 -11.46 23.13 14.33
C ALA D 85 -11.48 23.86 13.01
N GLN D 86 -12.25 24.94 12.92
CA GLN D 86 -12.29 25.67 11.66
C GLN D 86 -10.91 26.23 11.26
N THR D 87 -10.18 26.70 12.26
CA THR D 87 -8.84 27.23 12.08
C THR D 87 -7.95 26.13 11.48
N VAL D 88 -7.96 24.96 12.12
CA VAL D 88 -7.24 23.78 11.60
C VAL D 88 -7.53 23.55 10.12
N LEU D 89 -8.82 23.64 9.75
CA LEU D 89 -9.26 23.45 8.36
C LEU D 89 -8.99 24.56 7.40
N GLY D 90 -8.71 25.76 7.89
CA GLY D 90 -8.43 26.87 6.99
C GLY D 90 -9.61 27.30 6.19
N ARG D 91 -9.50 27.25 4.88
CA ARG D 91 -10.56 27.64 4.00
C ARG D 91 -11.50 26.50 3.65
N ARG D 92 -11.20 25.31 4.14
CA ARG D 92 -12.09 24.17 3.95
C ARG D 92 -13.28 24.32 4.91
N PRO D 93 -14.50 24.24 4.37
CA PRO D 93 -15.61 24.54 5.29
C PRO D 93 -15.83 23.52 6.41
N LEU D 94 -16.17 24.01 7.59
CA LEU D 94 -16.65 23.18 8.68
C LEU D 94 -18.13 23.49 8.90
N ILE D 95 -18.96 22.45 8.92
CA ILE D 95 -20.32 22.58 9.42
C ILE D 95 -20.40 21.91 10.75
N VAL D 96 -20.72 22.70 11.78
CA VAL D 96 -21.00 22.13 13.09
C VAL D 96 -22.48 21.91 13.38
N LEU D 97 -22.78 20.87 14.15
CA LEU D 97 -24.13 20.60 14.58
C LEU D 97 -24.29 20.79 16.05
N ASP D 98 -25.44 21.37 16.42
CA ASP D 98 -25.89 21.44 17.80
C ASP D 98 -24.88 22.17 18.70
N GLU D 99 -24.33 23.25 18.21
CA GLU D 99 -23.50 24.08 19.08
C GLU D 99 -23.48 25.47 18.49
N ASN D 100 -23.01 26.41 19.29
CA ASN D 100 -22.74 27.76 18.82
C ASN D 100 -21.77 27.70 17.62
N PRO D 101 -22.16 28.31 16.49
CA PRO D 101 -21.34 28.24 15.28
C PRO D 101 -19.98 28.87 15.42
N GLY D 102 -19.87 29.89 16.30
CA GLY D 102 -18.59 30.57 16.51
C GLY D 102 -18.01 30.93 15.16
N GLY D 103 -16.74 30.56 14.95
CA GLY D 103 -16.07 30.85 13.71
C GLY D 103 -16.25 29.82 12.61
N ALA D 104 -17.11 28.82 12.84
CA ALA D 104 -17.34 27.77 11.83
C ALA D 104 -17.96 28.35 10.58
N ALA D 105 -17.57 27.81 9.43
CA ALA D 105 -18.16 28.25 8.19
C ALA D 105 -19.68 28.07 8.15
N GLY D 106 -20.18 27.01 8.77
CA GLY D 106 -21.62 26.76 8.74
C GLY D 106 -22.09 26.04 9.97
N SER D 107 -23.40 26.07 10.18
CA SER D 107 -23.97 25.40 11.35
C SER D 107 -25.42 24.94 11.12
N ILE D 108 -25.76 23.86 11.80
CA ILE D 108 -27.10 23.35 11.85
C ILE D 108 -27.44 23.20 13.31
N ASN D 109 -28.49 23.91 13.72
CA ASN D 109 -28.94 23.92 15.09
C ASN D 109 -30.41 23.66 15.09
N PHE D 110 -30.94 23.42 16.26
CA PHE D 110 -32.31 22.92 16.38
C PHE D 110 -33.14 23.83 17.28
N ASP D 111 -34.44 23.88 17.03
CA ASP D 111 -35.32 24.81 17.79
C ASP D 111 -35.86 24.13 19.04
N TYR D 112 -35.10 24.12 20.11
CA TYR D 112 -35.54 23.40 21.31
C TYR D 112 -36.69 24.08 22.07
N GLN D 113 -36.85 25.38 21.93
CA GLN D 113 -38.01 26.10 22.51
C GLN D 113 -39.27 25.54 21.91
N HIS D 114 -39.26 25.35 20.61
CA HIS D 114 -40.41 24.75 19.92
C HIS D 114 -40.64 23.29 20.35
N ALA D 115 -39.58 22.50 20.36
CA ALA D 115 -39.67 21.12 20.75
C ALA D 115 -40.24 20.99 22.20
N ALA D 116 -39.81 21.87 23.10
CA ALA D 116 -40.26 21.82 24.51
C ALA D 116 -41.73 22.14 24.58
N LYS D 117 -42.12 23.17 23.86
CA LYS D 117 -43.54 23.59 23.90
C LYS D 117 -44.43 22.47 23.40
N VAL D 118 -44.04 21.83 22.30
CA VAL D 118 -44.83 20.73 21.73
C VAL D 118 -44.87 19.47 22.62
N ALA D 119 -43.72 19.06 23.16
CA ALA D 119 -43.70 17.85 24.01
C ALA D 119 -44.51 18.10 25.30
N VAL D 120 -44.27 19.25 25.91
CA VAL D 120 -45.02 19.62 27.12
C VAL D 120 -46.50 19.70 26.83
N ALA D 121 -46.88 20.30 25.71
CA ALA D 121 -48.29 20.39 25.36
C ALA D 121 -48.98 19.03 25.35
N GLN D 122 -48.28 18.00 24.91
CA GLN D 122 -48.90 16.68 24.80
C GLN D 122 -49.22 16.11 26.19
N LEU D 123 -48.31 16.30 27.15
CA LEU D 123 -48.57 15.91 28.54
C LEU D 123 -49.65 16.79 29.19
N MET D 124 -49.71 18.07 28.84
CA MET D 124 -50.80 18.94 29.33
C MET D 124 -52.13 18.46 28.74
N ASP D 125 -52.17 18.17 27.44
CA ASP D 125 -53.41 17.66 26.81
C ASP D 125 -53.96 16.41 27.47
N SER D 126 -53.10 15.49 27.87
CA SER D 126 -53.54 14.28 28.54
C SER D 126 -53.62 14.44 30.07
N LYS D 127 -53.52 15.68 30.55
CA LYS D 127 -53.73 16.06 31.95
C LYS D 127 -52.80 15.43 32.97
N ARG D 128 -51.54 15.20 32.59
CA ARG D 128 -50.56 14.72 33.54
C ARG D 128 -50.23 15.80 34.57
N GLN D 129 -50.21 15.39 35.84
CA GLN D 129 -50.10 16.31 36.99
C GLN D 129 -48.77 16.20 37.67
N HIS D 130 -48.05 15.13 37.35
CA HIS D 130 -46.79 14.87 38.05
C HIS D 130 -45.73 14.50 37.03
N ILE D 131 -45.02 15.51 36.55
CA ILE D 131 -44.12 15.35 35.40
C ILE D 131 -42.68 15.21 35.88
N ALA D 132 -41.88 14.35 35.26
CA ALA D 132 -40.43 14.45 35.41
C ALA D 132 -39.77 14.69 34.06
N TYR D 133 -38.67 15.40 34.08
CA TYR D 133 -37.80 15.52 32.91
C TYR D 133 -36.53 14.82 33.29
N LEU D 134 -36.10 13.89 32.45
CA LEU D 134 -34.76 13.24 32.62
C LEU D 134 -33.75 13.81 31.70
N GLU D 135 -32.72 14.42 32.30
CA GLU D 135 -31.71 15.19 31.62
C GLU D 135 -30.42 14.34 31.59
N ALA D 136 -29.66 14.40 30.50
CA ALA D 136 -28.32 13.82 30.45
C ALA D 136 -27.39 14.78 31.15
N GLY D 137 -26.57 14.24 32.03
CA GLY D 137 -25.68 15.06 32.83
C GLY D 137 -24.54 14.29 33.46
N SER D 138 -23.56 15.05 33.95
CA SER D 138 -22.39 14.50 34.63
C SER D 138 -22.77 14.09 36.03
N ALA D 139 -21.95 13.26 36.67
CA ALA D 139 -22.24 12.82 38.03
C ALA D 139 -22.36 13.96 39.02
N SER D 140 -21.53 15.00 38.85
CA SER D 140 -21.59 16.18 39.75
C SER D 140 -22.91 16.92 39.65
N GLU D 141 -23.43 17.03 38.42
CA GLU D 141 -24.75 17.62 38.14
C GLU D 141 -25.94 16.71 38.53
N SER D 142 -25.71 15.47 38.94
CA SER D 142 -26.81 14.55 39.25
C SER D 142 -27.58 14.85 40.55
N ASP D 143 -26.92 15.48 41.53
CA ASP D 143 -27.56 15.76 42.85
C ASP D 143 -27.58 17.24 43.30
N GLU D 144 -26.91 18.12 42.57
CA GLU D 144 -27.12 19.57 42.73
C GLU D 144 -27.91 20.04 41.51
N PRO D 145 -29.21 19.66 41.41
CA PRO D 145 -29.85 19.58 40.10
C PRO D 145 -30.54 20.88 39.61
N VAL D 146 -30.01 21.44 38.54
CA VAL D 146 -30.66 22.51 37.76
C VAL D 146 -30.38 22.08 36.31
N PRO D 147 -31.24 22.45 35.34
CA PRO D 147 -30.91 21.87 33.99
C PRO D 147 -29.56 22.36 33.43
N CYS D 148 -28.84 21.46 32.77
CA CYS D 148 -27.47 21.71 32.30
C CYS D 148 -27.35 21.72 30.76
N THR D 149 -28.36 21.20 30.07
CA THR D 149 -28.33 21.22 28.59
C THR D 149 -29.26 22.30 28.03
N VAL D 150 -29.03 22.66 26.77
CA VAL D 150 -29.88 23.64 26.10
C VAL D 150 -31.30 23.09 26.00
N ARG D 151 -31.45 21.84 25.60
CA ARG D 151 -32.78 21.34 25.51
C ARG D 151 -33.44 21.19 26.88
N GLY D 152 -32.66 20.83 27.90
CA GLY D 152 -33.22 20.71 29.27
C GLY D 152 -33.70 22.04 29.81
N LYS D 153 -32.90 23.07 29.60
CA LYS D 153 -33.31 24.44 29.96
C LYS D 153 -34.60 24.91 29.26
N ALA D 154 -34.78 24.49 28.00
CA ALA D 154 -36.04 24.82 27.31
C ALA D 154 -37.26 24.09 27.92
N VAL D 155 -37.09 22.82 28.25
CA VAL D 155 -38.15 22.06 28.89
C VAL D 155 -38.45 22.61 30.25
N ALA D 156 -37.42 22.91 31.03
CA ALA D 156 -37.63 23.49 32.36
C ALA D 156 -38.34 24.86 32.28
N GLY D 157 -37.95 25.66 31.28
CA GLY D 157 -38.53 26.97 31.01
C GLY D 157 -39.99 26.94 30.72
N ARG D 158 -40.43 25.96 29.95
CA ARG D 158 -41.84 25.81 29.64
C ARG D 158 -42.63 25.25 30.84
N LEU D 159 -42.12 24.23 31.53
CA LEU D 159 -42.78 23.71 32.72
C LEU D 159 -42.91 24.82 33.78
N ASP D 160 -41.89 25.66 33.95
CA ASP D 160 -41.93 26.75 34.93
C ASP D 160 -42.94 27.82 34.51
N GLU D 161 -42.95 28.18 33.23
CA GLU D 161 -43.94 29.10 32.66
C GLU D 161 -45.38 28.66 32.94
N LEU D 162 -45.63 27.37 32.80
CA LEU D 162 -46.96 26.83 32.98
C LEU D 162 -47.34 26.63 34.45
N GLY D 163 -46.33 26.50 35.31
CA GLY D 163 -46.58 26.19 36.70
C GLY D 163 -46.83 24.73 36.98
N ALA D 164 -46.39 23.85 36.08
CA ALA D 164 -46.53 22.43 36.28
C ALA D 164 -45.72 21.99 37.51
N SER D 165 -46.25 21.01 38.23
CA SER D 165 -45.56 20.37 39.33
C SER D 165 -44.67 19.31 38.73
N TRP D 166 -43.37 19.55 38.75
CA TRP D 166 -42.45 18.69 38.03
C TRP D 166 -41.13 18.58 38.77
N SER D 167 -40.36 17.54 38.43
CA SER D 167 -39.06 17.29 39.00
C SER D 167 -38.05 17.01 37.92
N LEU D 168 -36.84 17.43 38.17
CA LEU D 168 -35.71 17.13 37.34
C LEU D 168 -34.97 15.90 37.84
N ILE D 169 -34.73 14.95 36.95
CA ILE D 169 -33.75 13.83 37.16
C ILE D 169 -32.54 14.02 36.22
N VAL D 170 -31.35 13.74 36.71
CA VAL D 170 -30.17 13.83 35.88
C VAL D 170 -29.50 12.44 35.90
N ALA D 171 -28.99 12.01 34.75
CA ALA D 171 -28.35 10.71 34.66
C ALA D 171 -27.36 10.67 33.54
N GLU D 172 -26.44 9.72 33.59
CA GLU D 172 -25.55 9.46 32.48
C GLU D 172 -26.41 9.14 31.23
N GLU D 173 -25.92 9.51 30.04
CA GLU D 173 -26.70 9.35 28.79
C GLU D 173 -26.55 7.93 28.22
N THR D 174 -27.15 6.97 28.91
CA THR D 174 -27.25 5.62 28.41
C THR D 174 -28.62 5.08 28.85
N ALA D 175 -29.08 4.01 28.23
CA ALA D 175 -30.38 3.45 28.56
C ALA D 175 -30.36 2.84 29.99
N GLU D 176 -29.26 2.19 30.35
CA GLU D 176 -29.18 1.55 31.66
C GLU D 176 -29.14 2.58 32.81
N ALA D 177 -28.43 3.69 32.65
CA ALA D 177 -28.41 4.73 33.69
C ALA D 177 -29.77 5.41 33.82
N ALA D 178 -30.45 5.59 32.68
CA ALA D 178 -31.81 6.12 32.68
C ALA D 178 -32.76 5.20 33.42
N ARG D 179 -32.66 3.91 33.17
CA ARG D 179 -33.55 2.94 33.83
C ARG D 179 -33.30 2.98 35.33
N GLU D 180 -32.04 2.96 35.73
CA GLU D 180 -31.68 3.01 37.15
C GLU D 180 -32.25 4.28 37.76
N ALA D 181 -31.98 5.42 37.13
CA ALA D 181 -32.39 6.68 37.73
C ALA D 181 -33.90 6.82 37.78
N ALA D 182 -34.59 6.37 36.74
CA ALA D 182 -36.02 6.43 36.71
C ALA D 182 -36.62 5.49 37.77
N ALA D 183 -36.03 4.32 37.95
CA ALA D 183 -36.48 3.36 38.95
C ALA D 183 -36.39 3.96 40.37
N ALA D 184 -35.24 4.54 40.67
CA ALA D 184 -35.05 5.15 41.98
C ALA D 184 -36.02 6.31 42.18
N PHE D 185 -36.17 7.17 41.18
CA PHE D 185 -37.10 8.29 41.28
C PHE D 185 -38.51 7.87 41.56
N LEU D 186 -38.96 6.79 40.93
CA LEU D 186 -40.33 6.34 41.04
C LEU D 186 -40.62 5.78 42.43
N ARG D 187 -39.62 5.20 43.07
CA ARG D 187 -39.74 4.78 44.45
C ARG D 187 -39.98 5.99 45.32
N GLU D 188 -39.21 7.05 45.13
CA GLU D 188 -39.42 8.26 45.93
C GLU D 188 -40.60 9.12 45.49
N HIS D 189 -41.05 8.98 44.24
CA HIS D 189 -42.17 9.77 43.73
C HIS D 189 -43.06 8.86 42.91
N PRO D 190 -43.82 7.99 43.60
CA PRO D 190 -44.68 6.99 42.96
C PRO D 190 -45.81 7.52 42.10
N GLU D 191 -46.21 8.77 42.31
CA GLU D 191 -47.35 9.34 41.58
C GLU D 191 -46.97 9.87 40.18
N THR D 192 -45.67 9.89 39.85
CA THR D 192 -45.21 10.36 38.53
C THR D 192 -46.03 9.76 37.40
N ASP D 193 -46.62 10.62 36.57
CA ASP D 193 -47.44 10.17 35.43
C ASP D 193 -47.05 10.67 34.02
N GLY D 194 -45.99 11.45 33.95
CA GLY D 194 -45.46 11.85 32.66
C GLY D 194 -43.98 12.05 32.73
N ILE D 195 -43.24 11.42 31.79
CA ILE D 195 -41.80 11.56 31.75
C ILE D 195 -41.37 12.03 30.35
N LEU D 196 -40.68 13.16 30.32
CA LEU D 196 -39.99 13.61 29.11
C LEU D 196 -38.54 13.24 29.27
N ALA D 197 -37.95 12.63 28.26
CA ALA D 197 -36.53 12.20 28.36
C ALA D 197 -35.67 12.98 27.38
N PHE D 198 -34.44 13.21 27.77
CA PHE D 198 -33.46 13.96 27.00
C PHE D 198 -33.40 13.43 25.56
N ASN D 199 -33.46 12.12 25.40
CA ASN D 199 -33.42 11.54 24.08
C ASN D 199 -34.03 10.18 24.12
N ASP D 200 -34.24 9.61 22.94
CA ASP D 200 -34.85 8.31 22.79
C ASP D 200 -34.11 7.16 23.47
N LEU D 201 -32.79 7.19 23.43
CA LEU D 201 -32.01 6.13 24.12
C LEU D 201 -32.36 6.10 25.63
N MET D 202 -32.36 7.26 26.22
CA MET D 202 -32.72 7.38 27.63
C MET D 202 -34.19 7.00 27.83
N ALA D 203 -35.08 7.41 26.92
CA ALA D 203 -36.50 7.05 27.04
C ALA D 203 -36.72 5.57 27.01
N ALA D 204 -35.88 4.88 26.25
CA ALA D 204 -35.98 3.42 26.19
C ALA D 204 -35.71 2.77 27.58
N GLY D 205 -34.75 3.34 28.29
CA GLY D 205 -34.52 2.97 29.69
C GLY D 205 -35.63 3.32 30.66
N VAL D 206 -36.22 4.50 30.47
CA VAL D 206 -37.40 4.87 31.26
C VAL D 206 -38.51 3.84 31.11
N LEU D 207 -38.84 3.46 29.87
CA LEU D 207 -39.86 2.46 29.61
C LEU D 207 -39.62 1.15 30.34
N LYS D 208 -38.36 0.70 30.40
CA LYS D 208 -38.00 -0.55 31.09
CA LYS D 208 -37.98 -0.53 31.11
C LYS D 208 -38.21 -0.41 32.60
N ALA D 209 -37.93 0.81 33.14
CA ALA D 209 -38.14 1.08 34.55
C ALA D 209 -39.62 1.09 34.89
N LEU D 210 -40.44 1.66 34.00
CA LEU D 210 -41.88 1.64 34.18
C LEU D 210 -42.43 0.21 34.16
N SER D 211 -42.01 -0.57 33.19
CA SER D 211 -42.46 -1.97 33.06
C SER D 211 -42.04 -2.80 34.28
N GLY D 212 -40.81 -2.63 34.70
CA GLY D 212 -40.27 -3.34 35.85
C GLY D 212 -40.92 -2.94 37.15
N SER D 213 -41.57 -1.78 37.19
CA SER D 213 -42.29 -1.37 38.41
C SER D 213 -43.77 -1.78 38.35
N GLY D 214 -44.17 -2.46 37.29
CA GLY D 214 -45.54 -2.86 37.12
C GLY D 214 -46.48 -1.73 36.75
N ARG D 215 -45.98 -0.59 36.28
CA ARG D 215 -46.86 0.51 35.83
C ARG D 215 -47.20 0.34 34.36
N ARG D 216 -48.43 0.63 33.98
CA ARG D 216 -48.86 0.51 32.59
C ARG D 216 -48.51 1.79 31.87
N VAL D 217 -48.10 1.67 30.61
CA VAL D 217 -47.81 2.83 29.76
C VAL D 217 -48.76 2.78 28.56
N PRO D 218 -49.55 3.83 28.34
CA PRO D 218 -49.39 5.15 28.95
C PRO D 218 -50.41 5.43 30.04
N GLU D 219 -51.14 4.41 30.50
CA GLU D 219 -52.24 4.64 31.46
C GLU D 219 -51.74 5.20 32.77
N ASP D 220 -50.75 4.53 33.37
CA ASP D 220 -50.16 5.03 34.60
C ASP D 220 -49.12 6.12 34.36
N CYS D 221 -48.33 6.04 33.30
CA CYS D 221 -47.34 7.07 33.03
C CYS D 221 -47.06 7.11 31.53
N ALA D 222 -47.03 8.32 30.99
CA ALA D 222 -46.69 8.54 29.60
C ALA D 222 -45.19 8.86 29.48
N VAL D 223 -44.63 8.57 28.31
CA VAL D 223 -43.24 8.83 28.04
C VAL D 223 -43.10 9.46 26.64
N ILE D 224 -42.34 10.55 26.56
CA ILE D 224 -42.01 11.13 25.24
C ILE D 224 -40.49 11.32 25.20
N GLY D 225 -39.88 10.86 24.12
CA GLY D 225 -38.45 11.06 23.87
C GLY D 225 -38.13 12.19 22.90
N MET D 226 -36.90 12.15 22.44
CA MET D 226 -36.38 13.10 21.45
C MET D 226 -35.31 12.39 20.64
N ASP D 227 -35.46 12.51 19.31
CA ASP D 227 -34.48 12.22 18.23
C ASP D 227 -35.19 11.61 17.04
N GLY D 228 -36.10 10.69 17.31
CA GLY D 228 -36.75 9.91 16.26
C GLY D 228 -35.93 8.81 15.64
N ILE D 229 -35.19 8.10 16.48
CA ILE D 229 -34.41 6.93 16.05
C ILE D 229 -35.32 5.75 15.67
N PRO D 230 -34.87 4.92 14.72
CA PRO D 230 -35.67 3.78 14.28
C PRO D 230 -36.10 2.82 15.40
N LEU D 231 -35.26 2.67 16.42
CA LEU D 231 -35.54 1.82 17.58
C LEU D 231 -36.90 2.14 18.19
N GLY D 232 -37.32 3.39 18.11
CA GLY D 232 -38.60 3.80 18.66
C GLY D 232 -39.79 2.99 18.20
N GLU D 233 -39.74 2.51 16.98
CA GLU D 233 -40.85 1.73 16.41
C GLU D 233 -40.76 0.27 16.78
N LEU D 234 -39.69 -0.13 17.47
CA LEU D 234 -39.46 -1.53 17.79
C LEU D 234 -39.70 -1.85 19.24
N LEU D 235 -39.75 -0.80 20.07
CA LEU D 235 -40.06 -0.92 21.46
C LEU D 235 -41.50 -1.27 21.65
N SER D 236 -41.82 -1.77 22.83
CA SER D 236 -43.20 -2.04 23.19
C SER D 236 -43.37 -1.54 24.60
N PRO D 237 -44.18 -0.49 24.82
CA PRO D 237 -44.87 0.26 23.75
C PRO D 237 -43.89 1.03 22.88
N GLN D 238 -44.28 1.20 21.61
CA GLN D 238 -43.58 2.06 20.69
C GLN D 238 -43.53 3.46 21.26
N LEU D 239 -42.42 4.14 20.96
CA LEU D 239 -42.06 5.38 21.65
C LEU D 239 -42.55 6.61 20.94
N SER D 240 -43.36 7.39 21.62
CA SER D 240 -43.69 8.74 21.11
C SER D 240 -42.51 9.62 21.28
N THR D 241 -42.27 10.53 20.33
CA THR D 241 -41.03 11.26 20.32
C THR D 241 -41.10 12.58 19.55
N MET D 242 -40.25 13.54 19.95
CA MET D 242 -39.99 14.71 19.13
C MET D 242 -38.90 14.25 18.14
N ALA D 243 -39.33 13.98 16.91
CA ALA D 243 -38.49 13.36 15.89
C ALA D 243 -37.94 14.40 14.95
N LEU D 244 -36.66 14.23 14.61
CA LEU D 244 -36.05 14.88 13.46
C LEU D 244 -36.21 13.95 12.26
N ASP D 245 -36.47 14.53 11.09
CA ASP D 245 -36.37 13.77 9.82
C ASP D 245 -34.87 13.67 9.48
N LEU D 246 -34.28 12.50 9.71
CA LEU D 246 -32.83 12.35 9.66
C LEU D 246 -32.33 12.57 8.25
N ARG D 247 -33.15 12.24 7.25
CA ARG D 247 -32.77 12.51 5.86
C ARG D 247 -32.68 14.01 5.61
N GLU D 248 -33.62 14.74 6.19
CA GLU D 248 -33.59 16.19 6.09
C GLU D 248 -32.37 16.82 6.78
N VAL D 249 -31.96 16.27 7.92
CA VAL D 249 -30.71 16.75 8.55
C VAL D 249 -29.50 16.51 7.63
N GLY D 250 -29.46 15.32 7.04
CA GLY D 250 -28.42 15.01 6.07
C GLY D 250 -28.49 15.92 4.86
N ARG D 251 -29.70 16.14 4.35
CA ARG D 251 -29.86 17.03 3.20
C ARG D 251 -29.45 18.46 3.52
N ALA D 252 -29.80 18.92 4.70
CA ALA D 252 -29.42 20.23 5.17
C ALA D 252 -27.91 20.40 5.24
N ALA D 253 -27.21 19.40 5.74
CA ALA D 253 -25.75 19.46 5.90
C ALA D 253 -25.04 19.50 4.56
N VAL D 254 -25.51 18.62 3.67
CA VAL D 254 -24.92 18.48 2.34
C VAL D 254 -25.26 19.70 1.47
N GLU D 255 -26.50 20.17 1.52
CA GLU D 255 -26.88 21.38 0.80
C GLU D 255 -26.12 22.60 1.26
N LEU D 256 -25.89 22.71 2.56
CA LEU D 256 -25.13 23.81 3.05
C LEU D 256 -23.67 23.66 2.59
N LEU D 257 -23.15 22.44 2.58
CA LEU D 257 -21.79 22.27 2.14
C LEU D 257 -21.67 22.62 0.62
N VAL D 258 -22.66 22.21 -0.17
CA VAL D 258 -22.66 22.54 -1.61
C VAL D 258 -22.56 24.05 -1.83
N GLY D 259 -23.35 24.80 -1.08
CA GLY D 259 -23.37 26.27 -1.14
C GLY D 259 -22.09 26.91 -0.63
N LEU D 260 -21.53 26.35 0.44
CA LEU D 260 -20.25 26.80 0.96
C LEU D 260 -19.02 26.51 0.05
N LEU D 261 -19.03 25.42 -0.69
CA LEU D 261 -17.92 25.07 -1.56
C LEU D 261 -18.04 25.82 -2.87
N SER D 262 -19.27 26.01 -3.37
CA SER D 262 -19.47 26.75 -4.62
C SER D 262 -19.24 28.26 -4.46
N GLY D 263 -19.30 28.78 -3.23
CA GLY D 263 -19.27 30.23 -2.98
C GLY D 263 -20.66 30.88 -2.94
N ALA D 264 -21.72 30.10 -3.11
CA ALA D 264 -23.08 30.62 -3.14
C ALA D 264 -23.55 31.05 -1.75
N VAL D 265 -22.89 30.52 -0.72
CA VAL D 265 -23.17 30.88 0.66
C VAL D 265 -21.86 31.36 1.25
N THR D 266 -21.91 32.50 1.92
CA THR D 266 -20.73 33.11 2.51
C THR D 266 -20.48 32.48 3.86
N PRO D 267 -19.25 32.01 4.12
CA PRO D 267 -18.94 31.39 5.41
C PRO D 267 -19.28 32.31 6.55
N GLY D 268 -19.88 31.78 7.61
CA GLY D 268 -20.15 32.59 8.81
C GLY D 268 -21.33 33.56 8.66
N SER D 269 -21.87 33.71 7.45
CA SER D 269 -23.03 34.57 7.23
C SER D 269 -24.34 34.00 7.79
N GLN D 270 -25.35 34.84 7.88
CA GLN D 270 -26.69 34.42 8.35
C GLN D 270 -27.19 33.17 7.61
N SER D 271 -27.03 33.24 6.30
CA SER D 271 -27.38 32.21 5.36
C SER D 271 -26.60 30.87 5.55
N SER D 272 -25.52 30.89 6.32
CA SER D 272 -24.76 29.66 6.60
C SER D 272 -25.21 28.97 7.89
N ARG D 273 -26.23 29.54 8.54
CA ARG D 273 -26.73 29.06 9.82
C ARG D 273 -28.14 28.57 9.64
N THR D 274 -28.31 27.26 9.61
CA THR D 274 -29.57 26.61 9.33
C THR D 274 -30.16 26.22 10.69
N THR D 275 -31.48 26.37 10.80
CA THR D 275 -32.22 25.87 11.96
C THR D 275 -33.25 24.89 11.50
N LEU D 276 -33.32 23.76 12.20
CA LEU D 276 -34.31 22.74 11.93
C LEU D 276 -35.24 22.53 13.14
N LYS D 277 -36.44 22.05 12.90
CA LYS D 277 -37.45 21.80 13.94
C LYS D 277 -37.72 20.30 14.04
N HIS D 278 -37.98 19.83 15.25
CA HIS D 278 -38.49 18.50 15.50
C HIS D 278 -39.98 18.45 15.22
N ARG D 279 -40.51 17.27 14.97
CA ARG D 279 -41.95 17.10 14.86
C ARG D 279 -42.44 16.03 15.76
N LEU D 280 -43.59 16.27 16.37
CA LEU D 280 -44.17 15.28 17.26
C LEU D 280 -44.65 14.02 16.52
N VAL D 281 -44.11 12.86 16.89
CA VAL D 281 -44.60 11.57 16.41
C VAL D 281 -45.18 10.81 17.59
N LEU D 282 -46.50 10.67 17.55
CA LEU D 282 -47.25 9.94 18.53
C LEU D 282 -47.30 8.47 18.21
N ARG D 283 -46.87 7.63 19.16
CA ARG D 283 -46.93 6.18 19.03
C ARG D 283 -47.74 5.67 20.22
N GLU D 284 -47.24 4.68 20.95
CA GLU D 284 -48.04 3.97 21.96
C GLU D 284 -47.74 4.41 23.37
N SER D 285 -46.65 5.17 23.56
CA SER D 285 -46.22 5.58 24.88
C SER D 285 -46.92 6.84 25.37
N THR D 286 -47.82 7.40 24.56
CA THR D 286 -48.68 8.54 24.95
C THR D 286 -50.17 8.29 24.70
N GLU D 287 -50.53 7.45 23.73
CA GLU D 287 -51.92 7.49 23.18
C GLU D 287 -52.88 8.47 23.87
CL CL E . 43.24 19.53 -14.70
C1 EDO F . 23.11 9.53 -14.22
O1 EDO F . 24.38 9.03 -14.71
C2 EDO F . 23.19 9.89 -12.75
O2 EDO F . 24.09 10.99 -12.67
MG MG G . 48.82 22.80 -23.73
CL CL H . 46.67 -10.83 -32.11
C1 EDO I . 29.64 -14.92 -18.29
O1 EDO I . 30.05 -14.75 -19.65
C2 EDO I . 29.55 -13.57 -17.65
O2 EDO I . 30.73 -12.75 -17.86
C1 EDO J . -25.58 -9.15 10.57
O1 EDO J . -26.54 -8.78 11.59
C2 EDO J . -24.37 -9.88 11.16
O2 EDO J . -24.84 -11.12 11.66
C1 EDO K . -28.53 12.48 20.43
O1 EDO K . -29.31 11.74 21.38
C2 EDO K . -28.63 13.98 20.61
O2 EDO K . -30.01 14.33 20.42
#